data_9BBD
#
_entry.id   9BBD
#
_cell.length_a   93.842
_cell.length_b   103.087
_cell.length_c   148.161
_cell.angle_alpha   90.00
_cell.angle_beta   90.00
_cell.angle_gamma   90.00
#
_symmetry.space_group_name_H-M   'P 21 21 21'
#
loop_
_entity.id
_entity.type
_entity.pdbx_description
1 polymer 'S1_8B sulfatase'
2 non-polymer 'ACETATE ION'
3 non-polymer 'CHLORIDE ION'
4 non-polymer 1,2-ETHANEDIOL
5 non-polymer 'SULFATE ION'
6 non-polymer 'CALCIUM ION'
7 water water
#
_entity_poly.entity_id   1
_entity_poly.type   'polypeptide(L)'
_entity_poly.pdbx_seq_one_letter_code
;MGSSHHHHHHSSGLVPRGSHMASEVDTSKSIKNIDKTKLAVNQKKPTNILWIYMEDQNPWNNAWGDYTVSTPNIKKFADQ
GVRFTNAHQPAPVCSATRSALITGQYQTTLGLQNHRSSRASYNATFLPEGYKTVPELFVDAGYQTFNIGKDDYNFKYDRS
KLYNAHEGKAGFQGAHDGTKFDWANNLKNKPFFGQIQLKGGKHHNFNGKDVPQVDPDKMTLPAYYADTPATRAEWAKHYK
TQVLSDIELGQILKELDDNNILENTAIFWFSDHGMLLLRHKQELYEDGVKVPLIISWPAGKELLKSKGAVRNDLISGLDI
PATSLALAGIDIPSYYDGKNVFSEEFSGRDYVISAKDRMDYTFDRARSVRTEKYRYIRQYHPELSSAQPQYRDKKQYSIE
ARALYEEGKLTPVQAAYYSPTKPVEELYDLQSDPDQIKNLAALPKYKKELLRHRQILLDWIAKTDDKGAYPESERAVKEV
LDIWGKNCVSTQCESYRLHHPDSVNIPGDKVYSPIQWPAYMPKPKTPYYSEIEHIYRKKFQ
;
_entity_poly.pdbx_strand_id   A,B
#
# COMPACT_ATOMS: atom_id res chain seq x y z
N LYS A 44 33.84 -5.93 6.24
CA LYS A 44 34.29 -5.36 4.97
C LYS A 44 33.09 -4.98 4.10
N LYS A 45 32.88 -3.67 3.93
CA LYS A 45 31.88 -3.09 3.05
C LYS A 45 32.57 -2.15 2.07
N PRO A 46 32.02 -1.97 0.87
CA PRO A 46 32.56 -0.96 -0.03
C PRO A 46 32.36 0.43 0.56
N THR A 47 33.20 1.36 0.11
CA THR A 47 33.05 2.74 0.56
C THR A 47 31.98 3.47 -0.25
N ASN A 48 31.95 3.24 -1.56
CA ASN A 48 31.08 3.98 -2.46
C ASN A 48 30.15 3.02 -3.20
N ILE A 49 28.98 3.53 -3.60
CA ILE A 49 28.10 2.86 -4.54
C ILE A 49 28.05 3.70 -5.81
N LEU A 50 28.11 3.04 -6.96
CA LEU A 50 28.04 3.73 -8.23
C LEU A 50 27.16 2.93 -9.17
N TRP A 51 26.09 3.55 -9.67
CA TRP A 51 25.25 2.97 -10.71
C TRP A 51 25.66 3.56 -12.05
N ILE A 52 26.07 2.71 -12.97
CA ILE A 52 26.29 3.13 -14.34
C ILE A 52 25.00 2.75 -15.08
N TYR A 53 24.25 3.77 -15.49
CA TYR A 53 22.81 3.65 -15.73
C TYR A 53 22.57 3.94 -17.21
N MET A 54 22.38 2.89 -18.00
CA MET A 54 22.25 3.04 -19.44
C MET A 54 20.77 3.08 -19.84
N GLU A 55 20.45 3.92 -20.82
CA GLU A 55 19.10 4.00 -21.37
C GLU A 55 18.95 2.94 -22.44
N ASP A 56 17.83 2.22 -22.41
CA ASP A 56 17.34 1.50 -23.59
C ASP A 56 18.42 0.65 -24.28
N GLN A 57 18.88 -0.40 -23.59
CA GLN A 57 19.94 -1.23 -24.19
C GLN A 57 19.80 -2.69 -23.79
N ASN A 58 19.83 -3.61 -24.81
CA ASN A 58 19.87 -5.06 -24.67
C ASN A 58 21.32 -5.54 -24.50
N PRO A 59 21.54 -6.71 -23.89
CA PRO A 59 22.93 -7.11 -23.57
C PRO A 59 23.63 -7.81 -24.74
N TRP A 60 23.78 -7.09 -25.85
CA TRP A 60 24.37 -7.68 -27.07
C TRP A 60 25.90 -7.54 -27.05
N ASN A 61 26.51 -8.06 -26.00
CA ASN A 61 27.92 -7.81 -25.76
C ASN A 61 28.66 -9.13 -25.52
N ASN A 62 29.99 -9.05 -25.55
CA ASN A 62 30.85 -10.23 -25.47
C ASN A 62 30.59 -11.04 -24.20
N ALA A 63 30.37 -10.35 -23.08
CA ALA A 63 30.10 -11.05 -21.83
C ALA A 63 28.83 -11.89 -21.89
N TRP A 64 27.86 -11.53 -22.74
CA TRP A 64 26.67 -12.37 -22.91
C TRP A 64 26.86 -13.37 -24.04
N GLY A 65 28.08 -13.48 -24.55
CA GLY A 65 28.38 -14.46 -25.57
C GLY A 65 28.26 -13.96 -26.99
N ASP A 66 27.99 -12.67 -27.18
CA ASP A 66 27.70 -12.10 -28.50
C ASP A 66 28.95 -11.37 -28.99
N TYR A 67 29.52 -11.86 -30.09
CA TYR A 67 30.78 -11.29 -30.58
C TYR A 67 30.58 -10.58 -31.89
N THR A 68 29.34 -10.18 -32.19
CA THR A 68 29.06 -9.38 -33.36
C THR A 68 29.97 -8.16 -33.40
N VAL A 69 30.11 -7.47 -32.28
CA VAL A 69 31.11 -6.41 -32.13
C VAL A 69 31.99 -6.74 -30.94
N SER A 70 33.08 -5.99 -30.82
CA SER A 70 34.06 -6.22 -29.75
C SER A 70 33.71 -5.29 -28.59
N THR A 71 33.51 -5.87 -27.41
CA THR A 71 33.21 -5.11 -26.19
C THR A 71 34.21 -5.50 -25.11
N PRO A 72 35.50 -5.14 -25.27
CA PRO A 72 36.53 -5.64 -24.33
C PRO A 72 36.38 -5.12 -22.92
N ASN A 73 36.00 -3.85 -22.75
CA ASN A 73 35.84 -3.31 -21.40
C ASN A 73 34.73 -4.03 -20.66
N ILE A 74 33.60 -4.25 -21.33
CA ILE A 74 32.50 -4.96 -20.69
C ILE A 74 32.91 -6.40 -20.38
N LYS A 75 33.59 -7.07 -21.32
CA LYS A 75 33.96 -8.47 -21.11
C LYS A 75 34.90 -8.62 -19.91
N LYS A 76 35.97 -7.84 -19.85
CA LYS A 76 36.85 -7.85 -18.67
C LYS A 76 36.08 -7.51 -17.40
N PHE A 77 35.27 -6.45 -17.45
CA PHE A 77 34.46 -6.03 -16.30
C PHE A 77 33.59 -7.18 -15.79
N ALA A 78 32.94 -7.90 -16.70
CA ALA A 78 32.11 -9.02 -16.29
C ALA A 78 32.95 -10.17 -15.73
N ASP A 79 34.11 -10.43 -16.33
CA ASP A 79 34.96 -11.53 -15.87
C ASP A 79 35.40 -11.32 -14.41
N GLN A 80 35.68 -10.09 -14.00
CA GLN A 80 36.12 -9.83 -12.65
C GLN A 80 34.98 -9.44 -11.72
N GLY A 81 33.72 -9.55 -12.18
CA GLY A 81 32.59 -9.20 -11.34
C GLY A 81 31.52 -10.27 -11.32
N VAL A 82 30.28 -9.90 -11.03
CA VAL A 82 29.16 -10.85 -10.99
C VAL A 82 28.18 -10.43 -12.06
N ARG A 83 27.86 -11.36 -12.96
CA ARG A 83 26.99 -11.11 -14.11
C ARG A 83 25.64 -11.77 -13.85
N PHE A 84 24.56 -11.02 -13.99
CA PHE A 84 23.21 -11.56 -13.80
C PHE A 84 22.53 -11.73 -15.16
N THR A 85 22.10 -12.95 -15.45
CA THR A 85 21.48 -13.26 -16.74
C THR A 85 19.96 -13.28 -16.64
N ASN A 86 19.40 -13.11 -15.45
CA ASN A 86 17.94 -13.08 -15.30
C ASN A 86 17.51 -11.90 -14.42
N ALA A 87 17.98 -10.69 -14.76
CA ALA A 87 17.54 -9.49 -14.06
C ALA A 87 16.38 -8.86 -14.83
N HIS A 88 15.20 -8.80 -14.22
CA HIS A 88 14.00 -8.29 -14.88
C HIS A 88 13.54 -7.00 -14.21
N GLN A 89 13.54 -5.89 -14.96
CA GLN A 89 13.07 -4.62 -14.45
C GLN A 89 11.56 -4.64 -14.23
N PRO A 90 11.05 -3.85 -13.28
CA PRO A 90 9.60 -3.83 -13.03
C PRO A 90 8.79 -3.18 -14.12
N ALA A 91 9.43 -2.59 -15.14
CA ALA A 91 8.71 -1.90 -16.20
C ALA A 91 9.54 -1.93 -17.47
N PRO A 92 8.90 -1.80 -18.63
CA PRO A 92 9.65 -1.73 -19.91
C PRO A 92 9.94 -0.32 -20.41
N VAL A 93 9.74 0.74 -19.63
CA VAL A 93 9.91 2.11 -20.13
C VAL A 93 10.52 2.98 -19.03
N CYS A 94 11.14 4.08 -19.48
CA CYS A 94 11.94 4.98 -18.65
C CYS A 94 11.36 5.32 -17.29
N SER A 95 10.31 6.13 -17.26
CA SER A 95 9.97 6.76 -16.00
C SER A 95 9.37 5.77 -15.03
N ALA A 96 8.81 4.67 -15.55
CA ALA A 96 8.28 3.64 -14.67
C ALA A 96 9.41 2.88 -13.97
N THR A 97 10.38 2.38 -14.73
CA THR A 97 11.53 1.72 -14.09
C THR A 97 12.27 2.68 -13.15
N ARG A 98 12.56 3.89 -13.65
CA ARG A 98 13.40 4.82 -12.89
C ARG A 98 12.72 5.28 -11.61
N SER A 99 11.39 5.47 -11.65
CA SER A 99 10.65 5.75 -10.42
C SER A 99 10.65 4.57 -9.48
N ALA A 100 10.53 3.34 -10.01
CA ALA A 100 10.49 2.19 -9.12
C ALA A 100 11.82 2.02 -8.38
N LEU A 101 12.93 2.11 -9.10
CA LEU A 101 14.22 1.83 -8.48
C LEU A 101 14.61 2.92 -7.48
N ILE A 102 14.19 4.17 -7.72
CA ILE A 102 14.53 5.23 -6.78
C ILE A 102 13.62 5.24 -5.56
N THR A 103 12.42 4.65 -5.65
CA THR A 103 11.57 4.52 -4.47
C THR A 103 11.70 3.18 -3.79
N GLY A 104 12.31 2.20 -4.45
CA GLY A 104 12.44 0.87 -3.92
C GLY A 104 11.21 -0.01 -4.05
N GLN A 105 10.14 0.46 -4.70
CA GLN A 105 8.91 -0.31 -4.83
C GLN A 105 8.42 -0.29 -6.27
N TYR A 106 7.61 -1.30 -6.62
CA TYR A 106 6.90 -1.29 -7.90
C TYR A 106 6.27 0.07 -8.16
N GLN A 107 6.52 0.61 -9.36
CA GLN A 107 6.01 1.93 -9.70
C GLN A 107 4.50 1.98 -9.55
N THR A 108 3.83 0.83 -9.70
CA THR A 108 2.37 0.74 -9.59
C THR A 108 1.89 0.85 -8.14
N THR A 109 2.76 0.68 -7.16
CA THR A 109 2.29 0.71 -5.79
C THR A 109 2.02 2.13 -5.33
N LEU A 110 2.79 3.08 -5.82
CA LEU A 110 2.75 4.48 -5.36
C LEU A 110 2.19 5.42 -6.42
N GLY A 111 1.53 4.87 -7.43
CA GLY A 111 0.91 5.71 -8.43
C GLY A 111 1.91 6.35 -9.37
N LEU A 112 3.08 5.75 -9.55
CA LEU A 112 4.12 6.26 -10.43
C LEU A 112 4.17 5.50 -11.76
N GLN A 113 3.14 4.70 -12.06
CA GLN A 113 3.23 3.71 -13.14
C GLN A 113 3.14 4.30 -14.54
N ASN A 114 2.54 5.49 -14.72
CA ASN A 114 2.26 6.03 -16.04
C ASN A 114 3.39 6.92 -16.59
N HIS A 115 3.84 6.62 -17.81
CA HIS A 115 4.97 7.29 -18.44
C HIS A 115 4.46 8.27 -19.50
N ARG A 116 4.65 9.58 -19.28
CA ARG A 116 5.13 10.22 -18.06
C ARG A 116 3.96 10.84 -17.29
N SER A 117 4.19 11.22 -16.03
CA SER A 117 3.10 11.69 -15.20
C SER A 117 3.65 12.60 -14.11
N SER A 118 2.75 13.41 -13.54
CA SER A 118 3.08 14.33 -12.46
C SER A 118 4.08 15.39 -12.90
N ARG A 119 4.05 15.77 -14.17
CA ARG A 119 4.99 16.77 -14.65
C ARG A 119 4.43 18.19 -14.64
N ALA A 120 3.12 18.38 -14.80
CA ALA A 120 2.59 19.72 -14.97
C ALA A 120 2.48 20.45 -13.63
N SER A 121 2.19 21.75 -13.69
CA SER A 121 1.98 22.52 -12.48
C SER A 121 0.69 22.15 -11.76
N TYR A 122 -0.29 21.62 -12.48
CA TYR A 122 -1.62 21.38 -11.94
C TYR A 122 -1.88 19.91 -11.68
N ASN A 123 -0.92 19.04 -11.93
CA ASN A 123 -1.08 17.61 -11.69
C ASN A 123 0.16 17.12 -11.00
N ALA A 124 0.01 16.60 -9.78
CA ALA A 124 1.14 16.26 -8.96
C ALA A 124 0.88 14.95 -8.23
N THR A 125 1.93 14.14 -8.09
CA THR A 125 1.94 13.03 -7.16
C THR A 125 3.05 13.28 -6.14
N PHE A 126 2.75 13.08 -4.86
CA PHE A 126 3.73 13.24 -3.80
C PHE A 126 3.94 11.91 -3.10
N LEU A 127 5.19 11.58 -2.85
CA LEU A 127 5.46 10.39 -2.06
C LEU A 127 4.86 10.59 -0.67
N PRO A 128 4.47 9.51 0.01
CA PRO A 128 3.85 9.64 1.34
C PRO A 128 4.77 10.40 2.30
N GLU A 129 4.16 11.12 3.23
CA GLU A 129 4.93 11.77 4.29
C GLU A 129 5.77 10.74 5.05
N GLY A 130 7.03 11.07 5.30
CA GLY A 130 7.94 10.15 5.96
C GLY A 130 8.70 9.23 5.02
N TYR A 131 8.31 9.16 3.73
CA TYR A 131 8.93 8.25 2.77
C TYR A 131 10.40 8.59 2.51
N LYS A 132 11.22 7.54 2.28
CA LYS A 132 12.65 7.72 1.98
C LYS A 132 12.98 7.07 0.64
N THR A 133 13.33 7.88 -0.35
CA THR A 133 13.91 7.32 -1.56
C THR A 133 15.29 6.77 -1.24
N VAL A 134 15.83 5.96 -2.15
CA VAL A 134 17.17 5.41 -1.93
C VAL A 134 18.23 6.47 -1.72
N PRO A 135 18.30 7.55 -2.50
CA PRO A 135 19.34 8.57 -2.23
C PRO A 135 19.20 9.22 -0.86
N GLU A 136 17.98 9.60 -0.45
CA GLU A 136 17.76 10.16 0.88
C GLU A 136 18.25 9.22 1.99
N LEU A 137 18.10 7.90 1.81
CA LEU A 137 18.66 6.94 2.75
C LEU A 137 20.17 7.10 2.87
N PHE A 138 20.84 7.29 1.73
CA PHE A 138 22.29 7.47 1.76
C PHE A 138 22.67 8.82 2.34
N VAL A 139 21.95 9.88 1.96
CA VAL A 139 22.21 11.19 2.56
C VAL A 139 22.11 11.12 4.09
N ASP A 140 21.08 10.44 4.60
CA ASP A 140 20.88 10.36 6.05
C ASP A 140 22.00 9.58 6.73
N ALA A 141 22.63 8.66 6.02
CA ALA A 141 23.71 7.87 6.57
C ALA A 141 25.09 8.52 6.35
N GLY A 142 25.11 9.74 5.83
CA GLY A 142 26.34 10.50 5.77
C GLY A 142 27.02 10.59 4.43
N TYR A 143 26.50 9.90 3.40
CA TYR A 143 27.14 9.87 2.10
C TYR A 143 26.83 11.15 1.32
N GLN A 144 27.73 11.45 0.36
CA GLN A 144 27.44 12.38 -0.72
C GLN A 144 26.70 11.64 -1.83
N THR A 145 25.73 12.30 -2.44
CA THR A 145 24.87 11.63 -3.41
C THR A 145 24.71 12.49 -4.67
N PHE A 146 24.70 11.84 -5.82
CA PHE A 146 24.54 12.55 -7.08
C PHE A 146 23.95 11.62 -8.12
N ASN A 147 23.32 12.23 -9.13
CA ASN A 147 22.89 11.51 -10.34
C ASN A 147 23.09 12.45 -11.52
N ILE A 148 24.14 12.18 -12.31
CA ILE A 148 24.53 13.03 -13.43
C ILE A 148 23.74 12.58 -14.66
N GLY A 149 22.86 13.44 -15.16
CA GLY A 149 21.88 13.10 -16.18
C GLY A 149 20.46 13.09 -15.64
N LYS A 150 19.57 12.46 -16.41
CA LYS A 150 18.14 12.59 -16.11
C LYS A 150 17.74 11.81 -14.87
N ASP A 151 16.80 12.39 -14.11
CA ASP A 151 16.06 11.62 -13.11
C ASP A 151 14.91 10.90 -13.79
N ASP A 152 13.90 11.68 -14.26
CA ASP A 152 12.74 11.20 -15.01
C ASP A 152 11.78 10.42 -14.10
N TYR A 153 11.50 10.99 -12.92
CA TYR A 153 10.62 10.35 -11.94
C TYR A 153 9.20 10.88 -12.06
N ASN A 154 8.22 10.05 -11.70
CA ASN A 154 6.81 10.41 -11.85
C ASN A 154 6.19 10.93 -10.56
N PHE A 155 6.95 11.70 -9.78
CA PHE A 155 6.45 12.39 -8.58
C PHE A 155 7.14 13.74 -8.48
N LYS A 156 6.57 14.61 -7.67
CA LYS A 156 7.19 15.89 -7.37
C LYS A 156 8.15 15.71 -6.21
N TYR A 157 9.27 16.43 -6.25
CA TYR A 157 10.25 16.28 -5.17
C TYR A 157 11.21 17.46 -5.14
N ASP A 158 11.81 17.65 -3.96
CA ASP A 158 12.91 18.58 -3.77
C ASP A 158 14.20 17.80 -4.00
N ARG A 159 14.83 18.03 -5.16
CA ARG A 159 15.99 17.22 -5.55
C ARG A 159 17.16 17.37 -4.56
N SER A 160 17.26 18.53 -3.89
CA SER A 160 18.37 18.74 -2.95
C SER A 160 18.31 17.78 -1.77
N LYS A 161 17.13 17.24 -1.45
CA LYS A 161 17.01 16.22 -0.41
C LYS A 161 17.53 14.87 -0.86
N LEU A 162 17.56 14.63 -2.18
CA LEU A 162 18.02 13.36 -2.73
C LEU A 162 19.51 13.41 -3.06
N TYR A 163 19.93 14.46 -3.78
CA TYR A 163 21.26 14.56 -4.39
C TYR A 163 21.94 15.82 -3.85
N ASN A 164 22.92 15.67 -2.95
CA ASN A 164 23.46 16.81 -2.23
C ASN A 164 24.84 17.23 -2.69
N ALA A 165 25.41 16.54 -3.67
CA ALA A 165 26.76 16.83 -4.15
C ALA A 165 26.78 17.71 -5.39
N HIS A 166 25.61 18.03 -5.94
CA HIS A 166 25.52 18.88 -7.13
C HIS A 166 24.08 19.37 -7.23
N GLU A 167 23.82 20.20 -8.22
CA GLU A 167 22.54 20.85 -8.41
C GLU A 167 21.80 20.23 -9.58
N GLY A 168 20.47 20.35 -9.56
CA GLY A 168 19.68 19.95 -10.69
C GLY A 168 19.53 21.05 -11.73
N LYS A 169 18.97 20.66 -12.87
CA LYS A 169 18.64 21.60 -13.94
C LYS A 169 17.45 21.04 -14.70
N ALA A 170 16.87 21.88 -15.57
CA ALA A 170 15.71 21.45 -16.36
C ALA A 170 16.09 20.30 -17.29
N GLY A 171 15.23 19.29 -17.32
CA GLY A 171 15.42 18.20 -18.25
C GLY A 171 14.27 18.11 -19.24
N PHE A 172 14.13 16.94 -19.85
CA PHE A 172 13.18 16.73 -20.92
C PHE A 172 11.83 16.31 -20.34
N GLN A 173 10.77 16.93 -20.83
CA GLN A 173 9.38 16.54 -20.52
C GLN A 173 9.13 16.49 -19.01
N GLY A 174 9.43 17.59 -18.33
CA GLY A 174 9.15 17.70 -16.92
C GLY A 174 10.20 17.13 -16.00
N ALA A 175 11.18 16.41 -16.52
CA ALA A 175 12.19 15.79 -15.68
C ALA A 175 13.17 16.82 -15.10
N HIS A 176 13.65 16.56 -13.89
CA HIS A 176 14.90 17.17 -13.45
C HIS A 176 16.07 16.37 -14.01
N ASP A 177 17.17 17.07 -14.31
CA ASP A 177 18.46 16.47 -14.64
C ASP A 177 19.50 16.89 -13.60
N GLY A 178 20.53 16.07 -13.44
CA GLY A 178 21.68 16.42 -12.60
C GLY A 178 22.82 16.97 -13.43
N THR A 179 23.34 18.11 -12.99
CA THR A 179 24.45 18.77 -13.69
C THR A 179 25.71 17.92 -13.65
N LYS A 180 26.50 18.02 -14.73
CA LYS A 180 27.83 17.41 -14.79
C LYS A 180 28.78 18.08 -13.82
N PHE A 181 29.72 17.30 -13.29
CA PHE A 181 30.78 17.83 -12.44
C PHE A 181 31.84 16.75 -12.28
N ASP A 182 32.99 17.13 -11.72
CA ASP A 182 34.12 16.22 -11.60
C ASP A 182 33.96 15.38 -10.34
N TRP A 183 32.97 14.47 -10.40
CA TRP A 183 32.60 13.69 -9.22
C TRP A 183 33.77 12.83 -8.72
N ALA A 184 34.51 12.20 -9.65
CA ALA A 184 35.57 11.28 -9.26
C ALA A 184 36.71 12.00 -8.53
N ASN A 185 36.96 13.26 -8.88
CA ASN A 185 37.94 14.03 -8.12
C ASN A 185 37.32 14.60 -6.83
N ASN A 186 36.16 15.23 -6.93
CA ASN A 186 35.57 15.93 -5.78
C ASN A 186 35.29 14.97 -4.65
N LEU A 187 34.99 13.71 -4.95
CA LEU A 187 34.53 12.78 -3.94
C LEU A 187 35.53 11.67 -3.70
N LYS A 188 36.78 11.86 -4.15
CA LYS A 188 37.81 10.84 -3.97
C LYS A 188 37.98 10.47 -2.50
N ASN A 189 37.65 11.38 -1.58
CA ASN A 189 37.79 11.08 -0.16
C ASN A 189 36.49 11.26 0.61
N LYS A 190 35.36 11.35 -0.09
CA LYS A 190 34.04 11.45 0.54
C LYS A 190 33.19 10.27 0.11
N PRO A 191 32.74 9.41 1.00
CA PRO A 191 31.93 8.26 0.58
C PRO A 191 30.68 8.74 -0.13
N PHE A 192 30.33 8.05 -1.23
CA PHE A 192 29.29 8.59 -2.09
C PHE A 192 28.44 7.48 -2.71
N PHE A 193 27.17 7.80 -2.93
CA PHE A 193 26.26 7.04 -3.79
C PHE A 193 26.02 7.88 -5.04
N GLY A 194 26.57 7.43 -6.17
CA GLY A 194 26.42 8.19 -7.39
C GLY A 194 25.77 7.40 -8.51
N GLN A 195 25.20 8.11 -9.48
CA GLN A 195 24.68 7.50 -10.70
C GLN A 195 25.21 8.31 -11.86
N ILE A 196 25.56 7.61 -12.94
CA ILE A 196 25.93 8.25 -14.20
C ILE A 196 24.99 7.73 -15.28
N GLN A 197 24.21 8.63 -15.87
CA GLN A 197 23.28 8.25 -16.93
C GLN A 197 23.97 8.29 -18.28
N LEU A 198 23.99 7.14 -18.95
CA LEU A 198 24.55 6.98 -20.29
C LEU A 198 23.42 6.73 -21.28
N LYS A 199 23.65 7.13 -22.53
CA LYS A 199 22.56 7.13 -23.50
C LYS A 199 22.24 5.74 -24.08
N GLY A 200 23.11 4.75 -23.87
CA GLY A 200 22.78 3.38 -24.24
C GLY A 200 22.35 3.28 -25.69
N GLY A 201 21.19 2.64 -25.90
CA GLY A 201 20.65 2.50 -27.25
C GLY A 201 20.22 3.81 -27.90
N LYS A 202 20.17 4.91 -27.15
CA LYS A 202 19.75 6.20 -27.69
C LYS A 202 20.94 7.08 -28.13
N HIS A 203 22.16 6.56 -28.10
CA HIS A 203 23.28 7.28 -28.70
C HIS A 203 22.96 7.62 -30.15
N HIS A 204 23.18 8.89 -30.52
CA HIS A 204 22.92 9.35 -31.87
C HIS A 204 24.18 9.45 -32.74
N ASN A 205 25.34 9.72 -32.14
CA ASN A 205 26.56 10.08 -32.86
C ASN A 205 27.51 8.88 -32.96
N PHE A 206 27.73 8.41 -34.19
CA PHE A 206 28.56 7.24 -34.44
C PHE A 206 29.78 7.57 -35.31
N ASN A 207 30.26 8.82 -35.28
CA ASN A 207 31.42 9.19 -36.09
C ASN A 207 32.75 8.85 -35.44
N GLY A 208 32.76 8.50 -34.15
CA GLY A 208 33.97 8.08 -33.48
C GLY A 208 34.66 6.93 -34.18
N LYS A 209 35.96 7.08 -34.42
CA LYS A 209 36.75 6.13 -35.22
C LYS A 209 36.84 4.73 -34.59
N ASP A 210 36.26 4.50 -33.41
CA ASP A 210 36.24 3.17 -32.79
C ASP A 210 34.91 2.43 -32.99
N VAL A 211 33.93 3.06 -33.64
CA VAL A 211 32.63 2.43 -33.89
C VAL A 211 32.76 1.60 -35.16
N PRO A 212 32.52 0.30 -35.12
CA PRO A 212 32.71 -0.52 -36.32
C PRO A 212 31.58 -0.29 -37.32
N GLN A 213 31.84 -0.73 -38.55
CA GLN A 213 30.77 -0.85 -39.54
C GLN A 213 29.93 -2.07 -39.18
N VAL A 214 28.61 -1.92 -39.25
CA VAL A 214 27.68 -3.03 -39.05
C VAL A 214 26.70 -3.04 -40.21
N ASP A 215 26.68 -4.14 -40.95
CA ASP A 215 25.91 -4.23 -42.19
C ASP A 215 24.47 -4.61 -41.87
N PRO A 216 23.49 -3.76 -42.16
CA PRO A 216 22.08 -4.15 -41.95
C PRO A 216 21.69 -5.47 -42.62
N ASP A 217 22.34 -5.85 -43.74
CA ASP A 217 22.01 -7.09 -44.42
C ASP A 217 22.50 -8.33 -43.67
N LYS A 218 23.38 -8.17 -42.68
CA LYS A 218 23.85 -9.30 -41.89
C LYS A 218 23.08 -9.48 -40.58
N MET A 219 22.04 -8.69 -40.34
CA MET A 219 21.36 -8.73 -39.05
C MET A 219 20.35 -9.87 -39.02
N THR A 220 20.36 -10.63 -37.94
CA THR A 220 19.39 -11.69 -37.69
C THR A 220 18.33 -11.17 -36.74
N LEU A 221 17.10 -11.01 -37.25
CA LEU A 221 15.98 -10.43 -36.52
C LEU A 221 15.28 -11.52 -35.71
N PRO A 222 14.45 -11.14 -34.73
CA PRO A 222 13.65 -12.17 -34.05
C PRO A 222 12.69 -12.82 -35.02
N ALA A 223 12.26 -14.02 -34.64
CA ALA A 223 11.33 -14.76 -35.49
C ALA A 223 10.02 -13.98 -35.66
N TYR A 224 9.54 -13.94 -36.91
CA TYR A 224 8.29 -13.27 -37.28
C TYR A 224 8.29 -11.79 -36.89
N TYR A 225 9.46 -11.15 -36.95
CA TYR A 225 9.56 -9.72 -36.72
C TYR A 225 9.68 -9.01 -38.06
N ALA A 226 9.05 -7.86 -38.18
CA ALA A 226 9.07 -7.11 -39.44
C ALA A 226 10.50 -6.94 -39.96
N ASP A 227 10.73 -7.40 -41.19
CA ASP A 227 12.03 -7.40 -41.84
C ASP A 227 12.03 -6.34 -42.93
N THR A 228 12.47 -5.13 -42.58
CA THR A 228 12.49 -3.99 -43.48
C THR A 228 13.83 -3.28 -43.35
N PRO A 229 14.19 -2.42 -44.31
CA PRO A 229 15.41 -1.62 -44.13
C PRO A 229 15.47 -0.89 -42.80
N ALA A 230 14.32 -0.40 -42.30
CA ALA A 230 14.34 0.35 -41.05
C ALA A 230 14.65 -0.53 -39.84
N THR A 231 14.02 -1.72 -39.74
CA THR A 231 14.31 -2.56 -38.59
C THR A 231 15.73 -3.10 -38.65
N ARG A 232 16.20 -3.47 -39.84
CA ARG A 232 17.60 -3.88 -39.97
C ARG A 232 18.55 -2.73 -39.62
N ALA A 233 18.19 -1.50 -39.99
CA ALA A 233 19.03 -0.38 -39.59
C ALA A 233 18.99 -0.18 -38.08
N GLU A 234 17.85 -0.42 -37.45
CA GLU A 234 17.78 -0.27 -36.01
C GLU A 234 18.65 -1.31 -35.29
N TRP A 235 18.71 -2.54 -35.82
CA TRP A 235 19.56 -3.60 -35.27
C TRP A 235 21.04 -3.24 -35.37
N ALA A 236 21.48 -2.86 -36.57
CA ALA A 236 22.88 -2.53 -36.76
C ALA A 236 23.27 -1.33 -35.90
N LYS A 237 22.36 -0.36 -35.77
CA LYS A 237 22.63 0.78 -34.90
C LYS A 237 22.76 0.33 -33.46
N HIS A 238 21.90 -0.62 -33.02
CA HIS A 238 21.98 -1.05 -31.62
C HIS A 238 23.29 -1.75 -31.32
N TYR A 239 23.84 -2.51 -32.30
CA TYR A 239 25.17 -3.08 -32.10
C TYR A 239 26.23 -2.00 -31.96
N LYS A 240 26.16 -0.95 -32.78
CA LYS A 240 27.12 0.14 -32.62
C LYS A 240 27.03 0.77 -31.23
N THR A 241 25.81 0.86 -30.64
CA THR A 241 25.70 1.45 -29.31
C THR A 241 26.34 0.56 -28.25
N GLN A 242 26.54 -0.73 -28.53
CA GLN A 242 27.25 -1.61 -27.61
C GLN A 242 28.71 -1.18 -27.49
N VAL A 243 29.33 -0.87 -28.63
CA VAL A 243 30.69 -0.34 -28.60
C VAL A 243 30.75 0.98 -27.84
N LEU A 244 29.79 1.88 -28.07
CA LEU A 244 29.82 3.16 -27.36
C LEU A 244 29.67 2.94 -25.86
N SER A 245 28.82 2.00 -25.46
CA SER A 245 28.69 1.69 -24.03
C SER A 245 30.00 1.12 -23.49
N ASP A 246 30.64 0.25 -24.28
CA ASP A 246 31.90 -0.33 -23.86
C ASP A 246 32.97 0.75 -23.64
N ILE A 247 33.04 1.72 -24.55
CA ILE A 247 33.99 2.83 -24.39
C ILE A 247 33.69 3.62 -23.13
N GLU A 248 32.41 3.96 -22.91
CA GLU A 248 32.06 4.80 -21.77
C GLU A 248 32.34 4.09 -20.46
N LEU A 249 32.10 2.78 -20.43
CA LEU A 249 32.45 2.01 -19.24
C LEU A 249 33.95 2.10 -18.96
N GLY A 250 34.76 1.95 -20.00
CA GLY A 250 36.20 2.10 -19.84
C GLY A 250 36.59 3.45 -19.27
N GLN A 251 35.95 4.52 -19.75
CA GLN A 251 36.29 5.85 -19.25
C GLN A 251 35.94 6.01 -17.77
N ILE A 252 34.78 5.48 -17.36
CA ILE A 252 34.39 5.58 -15.94
C ILE A 252 35.34 4.80 -15.05
N LEU A 253 35.75 3.60 -15.49
CA LEU A 253 36.66 2.80 -14.67
C LEU A 253 38.02 3.49 -14.52
N LYS A 254 38.54 4.03 -15.62
CA LYS A 254 39.76 4.83 -15.55
C LYS A 254 39.60 6.00 -14.58
N GLU A 255 38.44 6.69 -14.62
CA GLU A 255 38.26 7.83 -13.73
C GLU A 255 38.27 7.43 -12.27
N LEU A 256 37.65 6.28 -11.96
CA LEU A 256 37.77 5.77 -10.60
C LEU A 256 39.23 5.48 -10.26
N ASP A 257 39.95 4.86 -11.20
CA ASP A 257 41.32 4.43 -10.96
C ASP A 257 42.26 5.60 -10.75
N ASP A 258 42.08 6.67 -11.55
CA ASP A 258 42.91 7.88 -11.44
C ASP A 258 42.71 8.61 -10.12
N ASN A 259 41.65 8.31 -9.38
CA ASN A 259 41.43 8.91 -8.06
C ASN A 259 41.44 7.84 -6.97
N ASN A 260 41.98 6.66 -7.27
CA ASN A 260 42.08 5.54 -6.32
C ASN A 260 40.74 5.24 -5.66
N ILE A 261 39.71 5.20 -6.49
CA ILE A 261 38.32 4.97 -6.12
C ILE A 261 37.80 3.64 -6.67
N LEU A 262 38.64 2.92 -7.41
CA LEU A 262 38.19 1.70 -8.09
C LEU A 262 37.99 0.55 -7.10
N GLU A 263 38.86 0.43 -6.09
CA GLU A 263 38.85 -0.75 -5.24
C GLU A 263 37.67 -0.76 -4.27
N ASN A 264 37.32 0.40 -3.72
CA ASN A 264 36.35 0.50 -2.65
C ASN A 264 34.95 0.87 -3.14
N THR A 265 34.71 0.86 -4.46
CA THR A 265 33.42 1.23 -5.04
C THR A 265 32.70 0.02 -5.60
N ALA A 266 31.51 -0.27 -5.05
CA ALA A 266 30.62 -1.26 -5.64
C ALA A 266 29.86 -0.63 -6.81
N ILE A 267 30.08 -1.15 -8.01
CA ILE A 267 29.47 -0.64 -9.23
C ILE A 267 28.30 -1.53 -9.61
N PHE A 268 27.17 -0.91 -9.97
CA PHE A 268 26.01 -1.61 -10.53
C PHE A 268 25.83 -1.11 -11.95
N TRP A 269 25.95 -2.01 -12.91
CA TRP A 269 26.01 -1.67 -14.32
C TRP A 269 24.78 -2.27 -14.99
N PHE A 270 23.86 -1.42 -15.47
CA PHE A 270 22.58 -1.92 -15.96
C PHE A 270 21.88 -0.86 -16.80
N SER A 271 20.86 -1.30 -17.52
CA SER A 271 20.04 -0.41 -18.31
C SER A 271 18.62 -0.38 -17.73
N ASP A 272 17.86 0.67 -18.04
CA ASP A 272 16.55 0.83 -17.41
C ASP A 272 15.50 -0.07 -18.06
N HIS A 273 15.75 -0.55 -19.29
CA HIS A 273 14.95 -1.54 -19.99
C HIS A 273 15.67 -1.85 -21.29
N GLY A 274 15.24 -2.93 -21.96
CA GLY A 274 15.67 -3.21 -23.31
C GLY A 274 14.80 -2.47 -24.34
N MET A 275 15.10 -2.72 -25.62
CA MET A 275 14.33 -2.12 -26.69
C MET A 275 12.88 -2.59 -26.64
N LEU A 276 11.95 -1.65 -26.81
CA LEU A 276 10.53 -2.00 -26.88
C LEU A 276 10.24 -2.49 -28.29
N LEU A 277 9.92 -3.77 -28.42
CA LEU A 277 9.69 -4.40 -29.71
C LEU A 277 8.22 -4.78 -29.84
N LEU A 278 7.69 -4.61 -31.06
CA LEU A 278 6.29 -4.84 -31.37
C LEU A 278 6.18 -5.77 -32.56
N ARG A 279 5.39 -6.84 -32.40
CA ARG A 279 4.96 -7.67 -33.52
C ARG A 279 3.46 -7.40 -33.69
N HIS A 280 3.10 -6.68 -34.74
CA HIS A 280 1.77 -6.10 -34.85
C HIS A 280 1.47 -5.32 -33.58
N LYS A 281 0.45 -5.72 -32.83
CA LYS A 281 0.13 -4.98 -31.61
C LYS A 281 0.78 -5.60 -30.37
N GLN A 282 1.48 -6.72 -30.51
CA GLN A 282 1.99 -7.49 -29.38
C GLN A 282 3.36 -6.96 -28.96
N GLU A 283 3.46 -6.49 -27.73
CA GLU A 283 4.75 -6.12 -27.14
C GLU A 283 5.49 -7.39 -26.72
N LEU A 284 6.76 -7.51 -27.10
CA LEU A 284 7.57 -8.68 -26.75
C LEU A 284 8.28 -8.37 -25.44
N TYR A 285 7.65 -8.73 -24.32
CA TYR A 285 8.09 -8.19 -23.04
C TYR A 285 9.43 -8.76 -22.59
N GLU A 286 9.71 -10.04 -22.88
CA GLU A 286 10.86 -10.70 -22.27
C GLU A 286 12.14 -9.86 -22.37
N ASP A 287 12.50 -9.42 -23.58
CA ASP A 287 13.72 -8.63 -23.76
C ASP A 287 13.46 -7.13 -23.68
N GLY A 288 12.26 -6.73 -23.28
CA GLY A 288 12.00 -5.37 -22.87
C GLY A 288 12.34 -5.17 -21.40
N VAL A 289 12.02 -6.16 -20.55
CA VAL A 289 12.25 -6.00 -19.11
C VAL A 289 13.53 -6.67 -18.63
N LYS A 290 14.02 -7.68 -19.34
CA LYS A 290 15.27 -8.33 -18.97
C LYS A 290 16.43 -7.45 -19.42
N VAL A 291 17.32 -7.08 -18.51
CA VAL A 291 18.35 -6.09 -18.83
C VAL A 291 19.71 -6.64 -18.43
N PRO A 292 20.78 -6.10 -19.01
CA PRO A 292 22.11 -6.43 -18.50
C PRO A 292 22.27 -5.96 -17.07
N LEU A 293 22.89 -6.80 -16.24
CA LEU A 293 23.32 -6.37 -14.91
C LEU A 293 24.66 -7.02 -14.61
N ILE A 294 25.67 -6.19 -14.29
CA ILE A 294 26.93 -6.63 -13.74
C ILE A 294 27.18 -5.87 -12.46
N ILE A 295 27.46 -6.57 -11.37
CA ILE A 295 27.86 -5.95 -10.11
C ILE A 295 29.35 -6.24 -9.89
N SER A 296 30.10 -5.18 -9.62
CA SER A 296 31.55 -5.30 -9.45
C SER A 296 31.98 -4.53 -8.21
N TRP A 297 32.74 -5.18 -7.34
CA TRP A 297 33.33 -4.53 -6.19
C TRP A 297 34.72 -5.14 -6.02
N PRO A 298 35.75 -4.53 -6.61
CA PRO A 298 37.07 -5.20 -6.67
C PRO A 298 37.58 -5.70 -5.32
N ALA A 299 37.58 -4.84 -4.29
CA ALA A 299 38.06 -5.26 -2.97
C ALA A 299 37.12 -6.24 -2.26
N GLY A 300 36.02 -6.64 -2.88
CA GLY A 300 35.10 -7.61 -2.27
C GLY A 300 34.78 -8.74 -3.23
N LYS A 301 35.60 -8.88 -4.27
CA LYS A 301 35.42 -9.87 -5.33
C LYS A 301 34.99 -11.24 -4.80
N GLU A 302 35.79 -11.80 -3.89
CA GLU A 302 35.51 -13.16 -3.42
C GLU A 302 34.20 -13.21 -2.63
N LEU A 303 33.88 -12.15 -1.89
CA LEU A 303 32.59 -12.11 -1.19
C LEU A 303 31.41 -12.09 -2.16
N LEU A 304 31.47 -11.27 -3.22
CA LEU A 304 30.36 -11.18 -4.17
C LEU A 304 30.24 -12.45 -5.01
N LYS A 305 31.37 -13.03 -5.42
CA LYS A 305 31.35 -14.21 -6.27
C LYS A 305 30.97 -15.49 -5.52
N SER A 306 30.83 -15.44 -4.20
CA SER A 306 30.58 -16.63 -3.39
C SER A 306 29.35 -17.41 -3.85
N LYS A 307 28.32 -16.72 -4.31
CA LYS A 307 27.13 -17.40 -4.81
C LYS A 307 27.21 -17.69 -6.30
N GLY A 308 28.33 -17.38 -6.95
CA GLY A 308 28.48 -17.59 -8.37
C GLY A 308 28.91 -16.33 -9.11
N ALA A 309 29.88 -16.45 -10.01
CA ALA A 309 30.28 -15.31 -10.81
C ALA A 309 29.28 -15.02 -11.93
N VAL A 310 28.43 -15.99 -12.26
CA VAL A 310 27.36 -15.83 -13.23
C VAL A 310 26.10 -16.29 -12.51
N ARG A 311 25.17 -15.36 -12.26
CA ARG A 311 23.95 -15.63 -11.51
C ARG A 311 22.79 -15.82 -12.48
N ASN A 312 22.26 -17.04 -12.54
CA ASN A 312 21.12 -17.37 -13.38
C ASN A 312 19.79 -17.34 -12.63
N ASP A 313 19.81 -17.16 -11.31
CA ASP A 313 18.55 -17.12 -10.58
C ASP A 313 17.82 -15.80 -10.86
N LEU A 314 16.50 -15.79 -10.60
CA LEU A 314 15.65 -14.65 -10.94
C LEU A 314 15.85 -13.47 -9.98
N ILE A 315 16.12 -12.30 -10.56
CA ILE A 315 16.41 -11.06 -9.86
C ILE A 315 15.39 -10.03 -10.34
N SER A 316 14.88 -9.20 -9.43
CA SER A 316 14.12 -8.03 -9.87
C SER A 316 15.04 -6.80 -9.90
N GLY A 317 14.78 -5.91 -10.85
CA GLY A 317 15.47 -4.63 -10.83
C GLY A 317 15.33 -3.91 -9.49
N LEU A 318 14.21 -4.13 -8.80
CA LEU A 318 14.02 -3.59 -7.47
C LEU A 318 15.03 -4.14 -6.46
N ASP A 319 15.77 -5.22 -6.81
CA ASP A 319 16.83 -5.70 -5.94
C ASP A 319 18.11 -4.89 -6.07
N ILE A 320 18.21 -4.02 -7.07
CA ILE A 320 19.40 -3.17 -7.23
C ILE A 320 19.46 -2.14 -6.10
N PRO A 321 18.44 -1.33 -5.83
CA PRO A 321 18.57 -0.41 -4.68
C PRO A 321 18.72 -1.13 -3.35
N ALA A 322 17.98 -2.23 -3.15
CA ALA A 322 18.09 -2.95 -1.88
C ALA A 322 19.47 -3.55 -1.69
N THR A 323 20.07 -4.10 -2.75
CA THR A 323 21.44 -4.60 -2.66
C THR A 323 22.44 -3.45 -2.48
N SER A 324 22.16 -2.31 -3.11
CA SER A 324 23.01 -1.14 -2.87
C SER A 324 23.01 -0.75 -1.40
N LEU A 325 21.83 -0.70 -0.78
CA LEU A 325 21.73 -0.36 0.63
C LEU A 325 22.48 -1.38 1.50
N ALA A 326 22.24 -2.68 1.26
CA ALA A 326 22.84 -3.70 2.10
C ALA A 326 24.37 -3.67 2.01
N LEU A 327 24.90 -3.56 0.79
CA LEU A 327 26.35 -3.53 0.63
C LEU A 327 26.98 -2.34 1.34
N ALA A 328 26.24 -1.25 1.51
CA ALA A 328 26.80 -0.07 2.16
C ALA A 328 26.54 -0.07 3.66
N GLY A 329 25.84 -1.08 4.19
CA GLY A 329 25.50 -1.10 5.60
C GLY A 329 24.35 -0.20 6.00
N ILE A 330 23.36 -0.03 5.13
CA ILE A 330 22.15 0.74 5.43
C ILE A 330 20.97 -0.23 5.47
N ASP A 331 20.14 -0.12 6.51
CA ASP A 331 18.97 -1.00 6.58
C ASP A 331 18.09 -0.80 5.35
N ILE A 332 17.54 -1.91 4.86
CA ILE A 332 16.50 -1.83 3.84
C ILE A 332 15.18 -1.53 4.53
N PRO A 333 14.49 -0.43 4.20
CA PRO A 333 13.16 -0.20 4.76
C PRO A 333 12.26 -1.40 4.53
N SER A 334 11.43 -1.68 5.52
CA SER A 334 10.48 -2.78 5.41
C SER A 334 9.52 -2.63 4.24
N TYR A 335 9.25 -1.39 3.82
CA TYR A 335 8.32 -1.23 2.70
C TYR A 335 8.98 -1.37 1.33
N TYR A 336 10.32 -1.48 1.25
CA TYR A 336 10.95 -1.76 -0.03
C TYR A 336 10.69 -3.20 -0.45
N ASP A 337 10.58 -3.43 -1.76
CA ASP A 337 10.32 -4.76 -2.28
C ASP A 337 11.58 -5.55 -2.57
N GLY A 338 12.73 -4.89 -2.63
CA GLY A 338 13.95 -5.56 -3.05
C GLY A 338 14.65 -6.27 -1.91
N LYS A 339 15.60 -7.12 -2.29
CA LYS A 339 16.38 -7.90 -1.36
C LYS A 339 17.85 -7.81 -1.74
N ASN A 340 18.72 -8.08 -0.76
CA ASN A 340 20.14 -8.17 -1.02
C ASN A 340 20.41 -9.47 -1.76
N VAL A 341 20.83 -9.38 -3.04
CA VAL A 341 21.03 -10.59 -3.83
C VAL A 341 22.25 -11.38 -3.40
N PHE A 342 23.09 -10.82 -2.53
CA PHE A 342 24.28 -11.51 -2.03
C PHE A 342 24.10 -12.08 -0.62
N SER A 343 22.99 -11.80 0.04
CA SER A 343 22.75 -12.34 1.37
C SER A 343 22.66 -13.87 1.31
N GLU A 344 22.96 -14.51 2.45
CA GLU A 344 22.98 -15.97 2.49
C GLU A 344 21.58 -16.55 2.36
N GLU A 345 20.57 -15.82 2.84
CA GLU A 345 19.19 -16.28 2.75
C GLU A 345 18.57 -16.08 1.35
N PHE A 346 19.26 -15.43 0.42
CA PHE A 346 18.71 -15.16 -0.91
C PHE A 346 18.99 -16.34 -1.85
N SER A 347 17.95 -17.05 -2.24
CA SER A 347 18.09 -18.24 -3.06
C SER A 347 17.37 -18.07 -4.40
N GLY A 348 17.21 -16.82 -4.84
CA GLY A 348 16.57 -16.53 -6.12
C GLY A 348 15.06 -16.41 -6.02
N ARG A 349 14.48 -15.43 -6.71
CA ARG A 349 13.05 -15.27 -6.68
C ARG A 349 12.36 -16.41 -7.43
N ASP A 350 11.20 -16.83 -6.91
CA ASP A 350 10.37 -17.79 -7.64
C ASP A 350 9.80 -17.19 -8.91
N TYR A 351 9.62 -15.86 -8.91
CA TYR A 351 8.97 -15.15 -10.00
C TYR A 351 9.37 -13.68 -9.92
N VAL A 352 9.28 -12.99 -11.04
CA VAL A 352 9.53 -11.55 -11.09
C VAL A 352 8.36 -10.89 -11.81
N ILE A 353 7.79 -9.87 -11.18
CA ILE A 353 6.65 -9.12 -11.67
C ILE A 353 7.16 -7.90 -12.43
N SER A 354 6.53 -7.61 -13.56
CA SER A 354 6.73 -6.38 -14.31
C SER A 354 5.36 -5.82 -14.68
N ALA A 355 5.29 -4.50 -14.84
CA ALA A 355 4.05 -3.78 -15.11
C ALA A 355 4.31 -2.77 -16.22
N LYS A 356 3.33 -2.65 -17.11
CA LYS A 356 3.33 -1.64 -18.14
C LYS A 356 2.00 -0.90 -18.05
N ASP A 357 2.05 0.42 -18.07
CA ASP A 357 0.82 1.20 -18.01
C ASP A 357 0.83 2.19 -19.17
N ARG A 358 0.29 3.39 -18.99
CA ARG A 358 0.33 4.35 -20.07
C ARG A 358 1.76 4.59 -20.53
N MET A 359 1.94 4.68 -21.84
CA MET A 359 3.19 5.06 -22.49
C MET A 359 2.91 6.24 -23.41
N ASP A 360 3.36 7.42 -23.03
CA ASP A 360 3.09 8.64 -23.79
C ASP A 360 1.58 8.83 -23.94
N TYR A 361 1.01 8.66 -25.14
CA TYR A 361 -0.43 8.83 -25.34
C TYR A 361 -1.16 7.52 -25.60
N THR A 362 -0.58 6.39 -25.21
CA THR A 362 -1.17 5.07 -25.40
C THR A 362 -1.57 4.54 -24.03
N PHE A 363 -2.88 4.40 -23.80
CA PHE A 363 -3.44 4.06 -22.48
C PHE A 363 -3.55 2.53 -22.35
N ASP A 364 -2.45 1.91 -22.00
CA ASP A 364 -2.44 0.46 -21.86
C ASP A 364 -2.31 0.06 -20.39
N ARG A 365 -2.55 -1.22 -20.14
CA ARG A 365 -2.31 -1.79 -18.82
C ARG A 365 -2.08 -3.28 -18.99
N ALA A 366 -0.89 -3.75 -18.67
CA ALA A 366 -0.54 -5.16 -18.75
C ALA A 366 0.37 -5.51 -17.59
N ARG A 367 0.27 -6.74 -17.13
CA ARG A 367 1.01 -7.23 -15.98
C ARG A 367 1.62 -8.55 -16.37
N SER A 368 2.86 -8.78 -15.96
CA SER A 368 3.57 -9.98 -16.38
C SER A 368 4.20 -10.69 -15.19
N VAL A 369 4.08 -12.03 -15.17
CA VAL A 369 4.76 -12.88 -14.20
C VAL A 369 5.81 -13.70 -14.93
N ARG A 370 7.06 -13.56 -14.52
CA ARG A 370 8.16 -14.30 -15.09
C ARG A 370 8.57 -15.37 -14.10
N THR A 371 8.44 -16.65 -14.48
CA THR A 371 9.00 -17.75 -13.69
C THR A 371 10.22 -18.30 -14.42
N GLU A 372 10.81 -19.40 -13.90
CA GLU A 372 12.06 -19.89 -14.47
C GLU A 372 11.88 -20.28 -15.93
N LYS A 373 10.72 -20.85 -16.26
CA LYS A 373 10.42 -21.37 -17.59
C LYS A 373 9.46 -20.48 -18.40
N TYR A 374 8.48 -19.83 -17.79
CA TYR A 374 7.42 -19.15 -18.53
C TYR A 374 7.44 -17.65 -18.31
N ARG A 375 6.95 -16.91 -19.30
CA ARG A 375 6.47 -15.56 -19.09
C ARG A 375 4.96 -15.57 -19.31
N TYR A 376 4.24 -15.01 -18.35
CA TYR A 376 2.80 -14.87 -18.39
C TYR A 376 2.45 -13.39 -18.48
N ILE A 377 1.45 -13.05 -19.29
CA ILE A 377 0.97 -11.68 -19.41
C ILE A 377 -0.52 -11.65 -19.16
N ARG A 378 -0.96 -10.74 -18.31
CA ARG A 378 -2.37 -10.39 -18.20
C ARG A 378 -2.56 -9.04 -18.86
N GLN A 379 -3.46 -8.97 -19.84
CA GLN A 379 -3.68 -7.78 -20.65
C GLN A 379 -5.04 -7.20 -20.29
N TYR A 380 -5.06 -6.00 -19.73
CA TYR A 380 -6.32 -5.46 -19.25
C TYR A 380 -7.05 -4.64 -20.30
N HIS A 381 -6.40 -4.24 -21.37
CA HIS A 381 -7.08 -3.52 -22.45
C HIS A 381 -6.82 -4.25 -23.76
N PRO A 382 -7.57 -5.34 -24.03
CA PRO A 382 -7.44 -6.12 -25.26
C PRO A 382 -7.97 -5.36 -26.47
N PRO A 423 -8.38 -9.50 -18.16
CA PRO A 423 -9.27 -10.31 -19.00
C PRO A 423 -8.55 -11.29 -19.95
N VAL A 424 -7.68 -10.83 -20.85
CA VAL A 424 -7.02 -11.70 -21.81
C VAL A 424 -5.61 -12.04 -21.33
N GLU A 425 -5.19 -13.29 -21.57
CA GLU A 425 -3.97 -13.83 -20.98
C GLU A 425 -3.07 -14.40 -22.06
N GLU A 426 -1.76 -14.32 -21.82
CA GLU A 426 -0.76 -14.96 -22.67
C GLU A 426 0.19 -15.73 -21.77
N LEU A 427 0.76 -16.81 -22.33
CA LEU A 427 1.73 -17.63 -21.62
C LEU A 427 2.74 -18.15 -22.62
N TYR A 428 4.03 -17.98 -22.34
CA TYR A 428 5.06 -18.41 -23.28
C TYR A 428 6.09 -19.29 -22.59
N ASP A 429 6.42 -20.42 -23.21
CA ASP A 429 7.53 -21.26 -22.78
C ASP A 429 8.78 -20.70 -23.41
N LEU A 430 9.58 -19.96 -22.63
CA LEU A 430 10.72 -19.25 -23.21
C LEU A 430 11.80 -20.21 -23.73
N GLN A 431 11.98 -21.36 -23.07
CA GLN A 431 12.94 -22.36 -23.55
C GLN A 431 12.71 -22.70 -25.02
N SER A 432 11.46 -22.87 -25.43
CA SER A 432 11.13 -23.33 -26.77
C SER A 432 10.50 -22.25 -27.62
N ASP A 433 10.39 -21.02 -27.12
CA ASP A 433 9.65 -19.97 -27.81
C ASP A 433 10.21 -18.61 -27.36
N PRO A 434 11.50 -18.35 -27.55
CA PRO A 434 12.10 -17.15 -26.93
C PRO A 434 11.56 -15.85 -27.52
N ASP A 435 11.05 -15.84 -28.75
CA ASP A 435 10.42 -14.64 -29.30
C ASP A 435 8.92 -14.61 -29.08
N GLN A 436 8.41 -15.43 -28.16
CA GLN A 436 7.03 -15.31 -27.66
C GLN A 436 6.00 -15.33 -28.80
N ILE A 437 6.05 -16.40 -29.60
CA ILE A 437 5.15 -16.56 -30.75
C ILE A 437 3.99 -17.51 -30.46
N LYS A 438 4.18 -18.46 -29.54
CA LYS A 438 3.21 -19.55 -29.32
C LYS A 438 2.49 -19.34 -28.00
N ASN A 439 1.41 -18.56 -28.03
CA ASN A 439 0.61 -18.37 -26.83
C ASN A 439 0.00 -19.71 -26.39
N LEU A 440 0.31 -20.14 -25.17
CA LEU A 440 -0.15 -21.43 -24.66
C LEU A 440 -1.37 -21.31 -23.76
N ALA A 441 -1.85 -20.08 -23.49
CA ALA A 441 -2.90 -19.87 -22.50
C ALA A 441 -4.15 -20.70 -22.78
N ALA A 442 -4.51 -20.88 -24.04
CA ALA A 442 -5.74 -21.60 -24.37
C ALA A 442 -5.54 -23.09 -24.60
N LEU A 443 -4.31 -23.59 -24.46
CA LEU A 443 -4.03 -25.02 -24.59
C LEU A 443 -4.36 -25.75 -23.28
N PRO A 444 -5.23 -26.76 -23.30
CA PRO A 444 -5.52 -27.54 -22.08
C PRO A 444 -4.30 -28.03 -21.30
N LYS A 445 -3.26 -28.52 -21.97
CA LYS A 445 -2.07 -28.98 -21.27
C LYS A 445 -1.45 -27.91 -20.36
N TYR A 446 -1.72 -26.63 -20.60
CA TYR A 446 -1.04 -25.56 -19.90
C TYR A 446 -1.95 -24.82 -18.94
N LYS A 447 -3.18 -25.30 -18.76
CA LYS A 447 -4.14 -24.65 -17.87
C LYS A 447 -3.62 -24.54 -16.44
N LYS A 448 -2.92 -25.56 -15.94
CA LYS A 448 -2.48 -25.48 -14.55
C LYS A 448 -1.38 -24.45 -14.38
N GLU A 449 -0.42 -24.42 -15.30
CA GLU A 449 0.62 -23.41 -15.25
C GLU A 449 0.02 -22.02 -15.41
N LEU A 450 -0.98 -21.89 -16.30
CA LEU A 450 -1.69 -20.63 -16.46
C LEU A 450 -2.28 -20.16 -15.14
N LEU A 451 -3.03 -21.05 -14.46
CA LEU A 451 -3.70 -20.63 -13.23
C LEU A 451 -2.67 -20.32 -12.16
N ARG A 452 -1.56 -21.06 -12.15
CA ARG A 452 -0.49 -20.79 -11.20
C ARG A 452 0.12 -19.41 -11.42
N HIS A 453 0.37 -19.02 -12.68
CA HIS A 453 0.92 -17.69 -12.91
C HIS A 453 -0.11 -16.62 -12.58
N ARG A 454 -1.37 -16.82 -13.02
CA ARG A 454 -2.44 -15.88 -12.70
C ARG A 454 -2.55 -15.64 -11.20
N GLN A 455 -2.46 -16.71 -10.38
CA GLN A 455 -2.61 -16.54 -8.93
C GLN A 455 -1.44 -15.81 -8.31
N ILE A 456 -0.21 -16.02 -8.83
CA ILE A 456 0.91 -15.20 -8.40
C ILE A 456 0.60 -13.73 -8.66
N LEU A 457 -0.07 -13.42 -9.78
CA LEU A 457 -0.37 -12.04 -10.10
C LEU A 457 -1.46 -11.48 -9.18
N LEU A 458 -2.52 -12.26 -8.94
CA LEU A 458 -3.56 -11.82 -8.03
C LEU A 458 -3.00 -11.57 -6.63
N ASP A 459 -2.07 -12.41 -6.19
CA ASP A 459 -1.45 -12.18 -4.89
C ASP A 459 -0.74 -10.83 -4.86
N TRP A 460 -0.08 -10.48 -5.96
CA TRP A 460 0.65 -9.23 -6.02
C TRP A 460 -0.29 -8.02 -6.05
N ILE A 461 -1.42 -8.12 -6.78
CA ILE A 461 -2.39 -7.03 -6.80
C ILE A 461 -2.97 -6.81 -5.40
N ALA A 462 -3.25 -7.91 -4.70
CA ALA A 462 -3.83 -7.80 -3.37
C ALA A 462 -2.82 -7.22 -2.38
N LYS A 463 -1.54 -7.59 -2.53
CA LYS A 463 -0.52 -7.10 -1.61
C LYS A 463 -0.19 -5.61 -1.86
N THR A 464 -0.22 -5.14 -3.10
CA THR A 464 0.25 -3.80 -3.41
C THR A 464 -0.86 -2.80 -3.72
N ASP A 465 -2.09 -3.25 -3.96
CA ASP A 465 -3.17 -2.36 -4.40
C ASP A 465 -2.74 -1.56 -5.63
N ASP A 466 -2.09 -2.25 -6.57
CA ASP A 466 -1.80 -1.82 -7.94
C ASP A 466 -2.66 -0.63 -8.35
N LYS A 467 -2.06 0.57 -8.35
CA LYS A 467 -2.80 1.78 -8.72
C LYS A 467 -3.16 1.80 -10.20
N GLY A 468 -2.59 0.88 -11.00
CA GLY A 468 -3.04 0.74 -12.38
C GLY A 468 -4.49 0.38 -12.50
N ALA A 469 -5.09 -0.17 -11.44
CA ALA A 469 -6.51 -0.49 -11.48
C ALA A 469 -7.40 0.76 -11.43
N TYR A 470 -6.85 1.92 -11.12
CA TYR A 470 -7.71 3.08 -11.06
C TYR A 470 -7.45 4.00 -12.25
N PRO A 471 -8.49 4.63 -12.79
CA PRO A 471 -8.30 5.52 -13.93
C PRO A 471 -7.56 6.79 -13.55
N GLU A 472 -6.81 7.32 -14.50
CA GLU A 472 -6.16 8.61 -14.33
C GLU A 472 -7.19 9.73 -14.27
N SER A 473 -6.85 10.80 -13.54
CA SER A 473 -7.74 11.93 -13.31
C SER A 473 -7.83 12.84 -14.53
N GLU A 474 -8.81 13.75 -14.48
CA GLU A 474 -8.95 14.81 -15.48
C GLU A 474 -7.65 15.57 -15.68
N ARG A 475 -7.07 16.04 -14.56
CA ARG A 475 -5.83 16.81 -14.64
C ARG A 475 -4.72 15.98 -15.24
N ALA A 476 -4.65 14.68 -14.92
CA ALA A 476 -3.59 13.86 -15.50
C ALA A 476 -3.81 13.68 -17.01
N VAL A 477 -5.07 13.56 -17.45
CA VAL A 477 -5.36 13.46 -18.88
C VAL A 477 -5.02 14.77 -19.59
N LYS A 478 -5.34 15.89 -18.95
CA LYS A 478 -4.98 17.19 -19.50
C LYS A 478 -3.48 17.30 -19.69
N GLU A 479 -2.70 16.76 -18.74
CA GLU A 479 -1.26 16.77 -18.90
C GLU A 479 -0.83 16.00 -20.15
N VAL A 480 -1.46 14.86 -20.45
CA VAL A 480 -1.16 14.16 -21.70
C VAL A 480 -1.45 15.05 -22.90
N LEU A 481 -2.61 15.75 -22.87
CA LEU A 481 -3.00 16.63 -23.97
C LEU A 481 -2.01 17.79 -24.14
N ASP A 482 -1.59 18.42 -23.04
CA ASP A 482 -0.56 19.45 -23.16
C ASP A 482 0.65 18.93 -23.93
N ILE A 483 1.07 17.71 -23.64
CA ILE A 483 2.35 17.25 -24.18
C ILE A 483 2.19 16.64 -25.56
N TRP A 484 1.09 15.93 -25.82
CA TRP A 484 0.93 15.18 -27.05
C TRP A 484 -0.23 15.63 -27.92
N GLY A 485 -1.06 16.56 -27.44
CA GLY A 485 -2.10 17.17 -28.24
C GLY A 485 -2.90 16.23 -29.11
N LYS A 486 -2.94 16.52 -30.41
CA LYS A 486 -3.78 15.76 -31.33
C LYS A 486 -3.35 14.30 -31.43
N ASN A 487 -2.12 13.97 -31.01
CA ASN A 487 -1.69 12.58 -31.13
C ASN A 487 -2.47 11.65 -30.20
N CYS A 488 -3.01 12.16 -29.10
CA CYS A 488 -3.73 11.27 -28.20
C CYS A 488 -5.14 11.06 -28.76
N VAL A 489 -5.43 9.85 -29.22
CA VAL A 489 -6.74 9.48 -29.73
C VAL A 489 -7.43 8.46 -28.84
N SER A 490 -6.94 8.28 -27.61
CA SER A 490 -7.56 7.33 -26.70
C SER A 490 -8.98 7.79 -26.33
N THR A 491 -9.82 6.85 -25.89
CA THR A 491 -11.14 7.26 -25.45
C THR A 491 -11.08 8.10 -24.17
N GLN A 492 -10.04 7.93 -23.35
CA GLN A 492 -9.82 8.86 -22.25
C GLN A 492 -9.66 10.29 -22.78
N CYS A 493 -8.86 10.46 -23.83
CA CYS A 493 -8.55 11.79 -24.35
C CYS A 493 -9.72 12.40 -25.11
N GLU A 494 -10.41 11.60 -25.95
CA GLU A 494 -11.57 12.12 -26.68
C GLU A 494 -12.68 12.48 -25.71
N SER A 495 -12.94 11.61 -24.74
CA SER A 495 -13.95 11.91 -23.74
C SER A 495 -13.59 13.18 -22.96
N TYR A 496 -12.30 13.38 -22.66
CA TYR A 496 -11.90 14.62 -22.03
C TYR A 496 -12.24 15.80 -22.94
N ARG A 497 -11.98 15.67 -24.25
CA ARG A 497 -12.25 16.77 -25.17
C ARG A 497 -13.75 17.05 -25.25
N LEU A 498 -14.57 16.00 -25.29
CA LEU A 498 -16.02 16.18 -25.30
C LEU A 498 -16.52 16.91 -24.07
N HIS A 499 -15.80 16.84 -22.95
CA HIS A 499 -16.21 17.49 -21.70
C HIS A 499 -15.57 18.86 -21.51
N HIS A 500 -14.56 19.20 -22.28
CA HIS A 500 -13.94 20.53 -22.22
C HIS A 500 -13.77 21.13 -23.60
N PRO A 501 -14.84 21.16 -24.41
CA PRO A 501 -14.69 21.63 -25.81
C PRO A 501 -14.24 23.09 -25.91
N ASP A 502 -14.47 23.87 -24.85
CA ASP A 502 -14.06 25.27 -24.70
C ASP A 502 -12.54 25.45 -24.58
N SER A 503 -11.80 24.42 -24.15
CA SER A 503 -10.40 24.63 -23.76
C SER A 503 -9.45 23.53 -24.22
N VAL A 504 -9.86 22.68 -25.17
CA VAL A 504 -9.03 21.53 -25.56
C VAL A 504 -7.58 21.94 -25.77
N ASN A 505 -7.35 23.07 -26.45
CA ASN A 505 -5.98 23.46 -26.78
C ASN A 505 -5.44 24.60 -25.92
N ILE A 506 -6.15 24.99 -24.88
CA ILE A 506 -5.61 25.97 -23.92
C ILE A 506 -4.66 25.25 -22.98
N PRO A 507 -3.44 25.73 -22.77
CA PRO A 507 -2.51 25.06 -21.86
C PRO A 507 -3.17 24.84 -20.50
N GLY A 508 -2.91 23.65 -19.93
CA GLY A 508 -3.54 23.31 -18.66
C GLY A 508 -3.18 24.25 -17.53
N ASP A 509 -1.99 24.86 -17.57
CA ASP A 509 -1.68 25.78 -16.47
C ASP A 509 -2.53 27.04 -16.52
N LYS A 510 -3.25 27.28 -17.62
CA LYS A 510 -4.25 28.34 -17.68
C LYS A 510 -5.67 27.84 -17.39
N VAL A 511 -5.86 26.53 -17.26
CA VAL A 511 -7.17 25.93 -17.03
C VAL A 511 -7.34 25.51 -15.58
N TYR A 512 -6.27 25.00 -14.97
CA TYR A 512 -6.32 24.43 -13.63
C TYR A 512 -5.36 25.17 -12.72
N SER A 513 -5.75 25.26 -11.45
CA SER A 513 -4.91 25.91 -10.46
C SER A 513 -3.70 25.03 -10.14
N PRO A 514 -2.57 25.65 -9.78
CA PRO A 514 -1.38 24.86 -9.44
C PRO A 514 -1.60 24.05 -8.19
N ILE A 515 -0.90 22.91 -8.09
CA ILE A 515 -1.03 22.05 -6.91
C ILE A 515 -0.01 22.54 -5.88
N GLN A 516 -0.48 22.86 -4.69
CA GLN A 516 0.42 23.31 -3.64
C GLN A 516 1.13 22.10 -3.05
N TRP A 517 2.44 22.22 -2.87
CA TRP A 517 3.18 21.11 -2.29
C TRP A 517 2.85 20.99 -0.80
N PRO A 518 2.91 19.78 -0.25
CA PRO A 518 2.45 19.57 1.13
C PRO A 518 3.35 20.25 2.15
N ALA A 519 2.81 20.32 3.38
CA ALA A 519 3.53 20.98 4.46
C ALA A 519 4.90 20.34 4.71
N TYR A 520 4.99 19.02 4.59
CA TYR A 520 6.24 18.35 4.94
C TYR A 520 7.28 18.41 3.84
N MET A 521 7.00 19.11 2.72
CA MET A 521 7.95 19.19 1.61
C MET A 521 7.71 20.45 0.77
N PRO A 522 8.11 21.61 1.24
CA PRO A 522 7.86 22.85 0.48
C PRO A 522 8.63 22.87 -0.83
N LYS A 523 8.02 23.49 -1.81
CA LYS A 523 8.59 23.61 -3.13
C LYS A 523 9.79 24.54 -3.11
N PRO A 524 10.97 24.10 -3.53
CA PRO A 524 12.10 25.03 -3.68
C PRO A 524 11.72 26.20 -4.57
N LYS A 525 12.37 27.34 -4.33
CA LYS A 525 12.16 28.52 -5.15
C LYS A 525 13.08 28.56 -6.36
N THR A 526 14.03 27.63 -6.45
CA THR A 526 14.96 27.44 -7.57
C THR A 526 14.23 27.62 -8.89
N PRO A 527 14.73 28.52 -9.75
CA PRO A 527 14.02 28.84 -11.00
C PRO A 527 13.76 27.66 -11.93
N TYR A 528 14.61 26.64 -11.99
CA TYR A 528 14.28 25.61 -12.96
C TYR A 528 13.07 24.76 -12.54
N TYR A 529 12.63 24.86 -11.27
CA TYR A 529 11.47 24.09 -10.86
C TYR A 529 10.21 24.55 -11.58
N SER A 530 10.16 25.81 -11.99
CA SER A 530 9.00 26.27 -12.73
C SER A 530 9.17 26.06 -14.23
N GLU A 531 10.42 26.01 -14.69
CA GLU A 531 10.67 25.76 -16.10
C GLU A 531 10.31 24.33 -16.47
N ILE A 532 10.57 23.37 -15.57
CA ILE A 532 10.25 21.99 -15.91
C ILE A 532 8.75 21.76 -15.95
N GLU A 533 7.96 22.65 -15.36
CA GLU A 533 6.50 22.50 -15.40
C GLU A 533 5.88 23.06 -16.67
N HIS A 534 6.65 23.75 -17.52
CA HIS A 534 6.14 24.28 -18.77
C HIS A 534 6.18 23.17 -19.82
N ILE A 535 5.13 22.34 -19.81
CA ILE A 535 5.15 21.12 -20.61
C ILE A 535 4.31 21.23 -21.87
N TYR A 536 3.49 22.28 -21.99
CA TYR A 536 2.62 22.40 -23.14
C TYR A 536 3.46 22.51 -24.40
N ARG A 537 3.13 21.72 -25.40
CA ARG A 537 3.87 21.70 -26.67
C ARG A 537 2.91 22.12 -27.77
N LYS A 538 3.11 23.34 -28.28
CA LYS A 538 2.27 23.89 -29.33
C LYS A 538 2.32 23.04 -30.59
N LYS A 539 3.51 22.53 -30.95
CA LYS A 539 3.64 21.79 -32.21
C LYS A 539 2.75 20.54 -32.25
N PHE A 540 2.37 19.98 -31.11
CA PHE A 540 1.46 18.85 -31.07
C PHE A 540 0.00 19.25 -30.87
N GLN A 541 -0.27 20.56 -30.65
CA GLN A 541 -1.59 21.23 -30.42
C GLN A 541 -2.07 21.39 -28.92
N LYS B 44 -2.38 -29.56 17.67
CA LYS B 44 -3.55 -29.34 18.53
C LYS B 44 -4.16 -27.96 18.25
N LYS B 45 -5.27 -27.96 17.50
CA LYS B 45 -5.92 -26.74 17.05
C LYS B 45 -7.39 -26.78 17.43
N PRO B 46 -7.98 -25.61 17.73
CA PRO B 46 -9.42 -25.57 17.93
C PRO B 46 -10.15 -25.90 16.64
N THR B 47 -11.42 -26.23 16.78
CA THR B 47 -12.21 -26.58 15.63
C THR B 47 -12.92 -25.36 15.04
N ASN B 48 -13.36 -24.45 15.90
CA ASN B 48 -14.16 -23.32 15.48
C ASN B 48 -13.55 -22.04 16.01
N ILE B 49 -13.92 -20.93 15.37
CA ILE B 49 -13.56 -19.60 15.84
C ILE B 49 -14.84 -18.83 15.99
N LEU B 50 -15.02 -18.19 17.14
CA LEU B 50 -16.20 -17.36 17.38
C LEU B 50 -15.77 -15.99 17.90
N TRP B 51 -16.30 -14.94 17.31
CA TRP B 51 -16.08 -13.59 17.83
C TRP B 51 -17.36 -13.17 18.52
N ILE B 52 -17.27 -12.86 19.81
CA ILE B 52 -18.36 -12.22 20.52
C ILE B 52 -18.05 -10.74 20.48
N TYR B 53 -18.78 -10.02 19.64
CA TYR B 53 -18.37 -8.73 19.08
C TYR B 53 -19.31 -7.65 19.63
N MET B 54 -18.84 -6.86 20.59
CA MET B 54 -19.70 -5.87 21.24
C MET B 54 -19.49 -4.46 20.69
N GLU B 55 -20.60 -3.72 20.58
CA GLU B 55 -20.53 -2.32 20.20
C GLU B 55 -20.23 -1.46 21.42
N ASP B 56 -19.26 -0.56 21.27
CA ASP B 56 -19.17 0.64 22.10
C ASP B 56 -19.15 0.31 23.59
N GLN B 57 -18.10 -0.39 24.04
CA GLN B 57 -18.09 -0.78 25.44
C GLN B 57 -16.69 -0.80 26.04
N ASN B 58 -16.55 -0.20 27.28
CA ASN B 58 -15.37 -0.15 28.12
C ASN B 58 -15.35 -1.37 29.05
N PRO B 59 -14.16 -1.81 29.51
CA PRO B 59 -14.10 -2.99 30.40
C PRO B 59 -14.41 -2.67 31.86
N TRP B 60 -15.60 -2.13 32.12
CA TRP B 60 -16.02 -1.78 33.48
C TRP B 60 -16.61 -3.00 34.20
N ASN B 61 -15.88 -4.10 34.21
CA ASN B 61 -16.42 -5.37 34.68
C ASN B 61 -15.48 -5.98 35.71
N ASN B 62 -15.99 -7.02 36.39
CA ASN B 62 -15.30 -7.61 37.53
C ASN B 62 -13.95 -8.19 37.14
N ALA B 63 -13.81 -8.72 35.92
CA ALA B 63 -12.52 -9.29 35.55
C ALA B 63 -11.44 -8.23 35.49
N TRP B 64 -11.80 -6.99 35.18
CA TRP B 64 -10.87 -5.86 35.22
C TRP B 64 -10.82 -5.22 36.60
N GLY B 65 -11.44 -5.84 37.60
CA GLY B 65 -11.36 -5.35 38.95
C GLY B 65 -12.42 -4.35 39.35
N ASP B 66 -13.46 -4.17 38.54
CA ASP B 66 -14.46 -3.14 38.79
C ASP B 66 -15.74 -3.83 39.25
N TYR B 67 -16.01 -3.79 40.56
CA TYR B 67 -17.15 -4.46 41.15
C TYR B 67 -18.33 -3.52 41.39
N THR B 68 -18.36 -2.38 40.69
CA THR B 68 -19.52 -1.50 40.71
C THR B 68 -20.80 -2.27 40.48
N VAL B 69 -20.79 -3.17 39.49
CA VAL B 69 -21.89 -4.06 39.19
C VAL B 69 -21.35 -5.47 39.14
N SER B 70 -22.27 -6.43 39.16
CA SER B 70 -21.91 -7.84 39.21
C SER B 70 -21.83 -8.40 37.79
N THR B 71 -20.67 -8.93 37.43
CA THR B 71 -20.46 -9.55 36.13
C THR B 71 -19.84 -10.93 36.33
N PRO B 72 -20.62 -11.89 36.85
CA PRO B 72 -20.04 -13.21 37.18
C PRO B 72 -19.71 -14.04 35.97
N ASN B 73 -20.48 -13.93 34.88
CA ASN B 73 -20.14 -14.70 33.68
C ASN B 73 -18.80 -14.26 33.10
N ILE B 74 -18.57 -12.94 33.04
CA ILE B 74 -17.30 -12.43 32.49
C ILE B 74 -16.15 -12.82 33.40
N LYS B 75 -16.34 -12.72 34.71
CA LYS B 75 -15.28 -13.08 35.66
C LYS B 75 -14.87 -14.54 35.48
N LYS B 76 -15.84 -15.46 35.46
CA LYS B 76 -15.47 -16.86 35.27
C LYS B 76 -14.84 -17.09 33.90
N PHE B 77 -15.35 -16.40 32.88
CA PHE B 77 -14.80 -16.56 31.53
C PHE B 77 -13.35 -16.09 31.49
N ALA B 78 -13.07 -14.92 32.06
CA ALA B 78 -11.70 -14.42 32.08
C ALA B 78 -10.80 -15.31 32.93
N ASP B 79 -11.32 -15.83 34.03
CA ASP B 79 -10.51 -16.67 34.92
C ASP B 79 -10.00 -17.92 34.18
N GLN B 80 -10.84 -18.51 33.32
CA GLN B 80 -10.48 -19.72 32.59
C GLN B 80 -9.82 -19.45 31.23
N GLY B 81 -9.77 -18.19 30.77
CA GLY B 81 -9.12 -17.85 29.52
C GLY B 81 -7.94 -16.89 29.65
N VAL B 82 -7.70 -16.07 28.63
CA VAL B 82 -6.60 -15.11 28.64
C VAL B 82 -7.17 -13.71 28.51
N ARG B 83 -6.81 -12.84 29.44
CA ARG B 83 -7.33 -11.48 29.51
C ARG B 83 -6.25 -10.53 29.01
N PHE B 84 -6.61 -9.65 28.09
CA PHE B 84 -5.67 -8.69 27.51
C PHE B 84 -6.02 -7.28 27.99
N THR B 85 -5.09 -6.66 28.72
CA THR B 85 -5.28 -5.34 29.30
C THR B 85 -4.72 -4.21 28.44
N ASN B 86 -4.10 -4.53 27.30
CA ASN B 86 -3.52 -3.52 26.42
C ASN B 86 -3.83 -3.85 24.97
N ALA B 87 -5.11 -4.05 24.68
CA ALA B 87 -5.58 -4.31 23.33
C ALA B 87 -6.15 -3.01 22.80
N HIS B 88 -5.53 -2.47 21.74
CA HIS B 88 -5.89 -1.17 21.19
C HIS B 88 -6.35 -1.34 19.75
N GLN B 89 -7.62 -1.02 19.50
CA GLN B 89 -8.17 -1.08 18.16
C GLN B 89 -7.51 -0.04 17.26
N PRO B 90 -7.49 -0.27 15.94
CA PRO B 90 -6.93 0.74 15.04
C PRO B 90 -7.83 1.94 14.81
N ALA B 91 -9.00 1.98 15.44
CA ALA B 91 -9.91 3.11 15.26
C ALA B 91 -10.77 3.25 16.51
N PRO B 92 -11.36 4.43 16.74
CA PRO B 92 -12.36 4.58 17.80
C PRO B 92 -13.82 4.58 17.34
N VAL B 93 -14.11 4.30 16.06
CA VAL B 93 -15.48 4.23 15.58
C VAL B 93 -15.70 2.95 14.77
N CYS B 94 -17.00 2.61 14.64
CA CYS B 94 -17.48 1.32 14.16
C CYS B 94 -16.93 0.92 12.80
N SER B 95 -17.30 1.67 11.75
CA SER B 95 -17.00 1.22 10.40
C SER B 95 -15.50 1.20 10.15
N ALA B 96 -14.75 2.05 10.84
CA ALA B 96 -13.30 2.05 10.71
C ALA B 96 -12.71 0.79 11.35
N THR B 97 -12.98 0.55 12.64
CA THR B 97 -12.47 -0.67 13.28
C THR B 97 -12.96 -1.93 12.54
N ARG B 98 -14.24 -1.97 12.18
CA ARG B 98 -14.82 -3.18 11.62
C ARG B 98 -14.29 -3.48 10.22
N SER B 99 -14.09 -2.44 9.40
CA SER B 99 -13.41 -2.67 8.12
C SER B 99 -11.98 -3.12 8.33
N ALA B 100 -11.31 -2.56 9.34
CA ALA B 100 -9.90 -2.92 9.53
C ALA B 100 -9.77 -4.39 9.93
N LEU B 101 -10.62 -4.86 10.85
CA LEU B 101 -10.48 -6.23 11.32
C LEU B 101 -10.93 -7.22 10.26
N ILE B 102 -11.98 -6.90 9.51
CA ILE B 102 -12.43 -7.84 8.49
C ILE B 102 -11.46 -7.88 7.31
N THR B 103 -10.67 -6.82 7.07
CA THR B 103 -9.68 -6.91 5.98
C THR B 103 -8.29 -7.26 6.49
N GLY B 104 -8.04 -7.17 7.80
CA GLY B 104 -6.74 -7.52 8.32
C GLY B 104 -5.70 -6.44 8.20
N GLN B 105 -6.09 -5.22 7.83
CA GLN B 105 -5.16 -4.10 7.68
C GLN B 105 -5.79 -2.85 8.26
N TYR B 106 -4.93 -1.91 8.65
CA TYR B 106 -5.41 -0.59 9.05
C TYR B 106 -6.43 -0.11 8.03
N GLN B 107 -7.56 0.40 8.53
CA GLN B 107 -8.59 0.92 7.64
C GLN B 107 -8.04 1.98 6.69
N THR B 108 -7.02 2.73 7.12
CA THR B 108 -6.45 3.80 6.30
C THR B 108 -5.65 3.26 5.12
N THR B 109 -5.18 2.01 5.17
CA THR B 109 -4.34 1.54 4.08
C THR B 109 -5.14 1.35 2.80
N LEU B 110 -6.41 0.94 2.91
CA LEU B 110 -7.24 0.58 1.77
C LEU B 110 -8.33 1.61 1.48
N GLY B 111 -8.25 2.81 2.06
CA GLY B 111 -9.28 3.79 1.80
C GLY B 111 -10.58 3.51 2.49
N LEU B 112 -10.55 2.77 3.62
CA LEU B 112 -11.75 2.46 4.38
C LEU B 112 -11.86 3.29 5.67
N GLN B 113 -11.15 4.41 5.77
CA GLN B 113 -10.97 5.08 7.05
C GLN B 113 -12.13 5.97 7.47
N ASN B 114 -13.04 6.34 6.54
CA ASN B 114 -14.04 7.38 6.82
C ASN B 114 -15.38 6.76 7.19
N HIS B 115 -15.90 7.16 8.35
CA HIS B 115 -17.11 6.59 8.94
C HIS B 115 -18.29 7.53 8.73
N ARG B 116 -19.27 7.15 7.90
CA ARG B 116 -19.25 5.95 7.07
C ARG B 116 -18.95 6.34 5.62
N SER B 117 -18.68 5.34 4.79
CA SER B 117 -18.28 5.63 3.42
C SER B 117 -18.65 4.46 2.52
N SER B 118 -18.65 4.76 1.23
CA SER B 118 -18.87 3.79 0.15
C SER B 118 -20.24 3.14 0.27
N ARG B 119 -21.21 3.87 0.83
CA ARG B 119 -22.56 3.34 1.04
C ARG B 119 -23.48 3.57 -0.15
N ALA B 120 -23.35 4.68 -0.86
CA ALA B 120 -24.31 5.08 -1.88
C ALA B 120 -24.12 4.26 -3.17
N SER B 121 -25.08 4.45 -4.09
CA SER B 121 -25.02 3.78 -5.40
C SER B 121 -23.95 4.40 -6.30
N TYR B 122 -23.64 5.68 -6.11
CA TYR B 122 -22.75 6.42 -6.98
C TYR B 122 -21.36 6.60 -6.40
N ASN B 123 -21.09 6.02 -5.23
CA ASN B 123 -19.82 6.19 -4.54
C ASN B 123 -19.40 4.83 -4.01
N ALA B 124 -18.26 4.34 -4.47
CA ALA B 124 -17.90 2.97 -4.19
C ALA B 124 -16.41 2.86 -3.96
N THR B 125 -16.05 2.03 -2.99
CA THR B 125 -14.69 1.55 -2.81
C THR B 125 -14.74 0.04 -2.94
N PHE B 126 -13.86 -0.51 -3.77
CA PHE B 126 -13.72 -1.96 -3.89
C PHE B 126 -12.34 -2.38 -3.39
N LEU B 127 -12.29 -3.52 -2.72
CA LEU B 127 -11.01 -4.08 -2.34
C LEU B 127 -10.26 -4.53 -3.60
N PRO B 128 -8.91 -4.52 -3.55
CA PRO B 128 -8.14 -4.90 -4.74
C PRO B 128 -8.53 -6.27 -5.26
N GLU B 129 -8.35 -6.46 -6.56
CA GLU B 129 -8.50 -7.77 -7.18
C GLU B 129 -7.60 -8.78 -6.48
N GLY B 130 -8.17 -9.94 -6.16
CA GLY B 130 -7.42 -10.99 -5.48
C GLY B 130 -7.39 -10.87 -3.97
N TYR B 131 -7.90 -9.77 -3.40
CA TYR B 131 -7.86 -9.57 -1.96
C TYR B 131 -8.76 -10.57 -1.25
N LYS B 132 -8.30 -11.06 -0.11
CA LYS B 132 -9.04 -11.99 0.74
C LYS B 132 -9.32 -11.35 2.11
N THR B 133 -10.57 -10.99 2.36
CA THR B 133 -10.97 -10.68 3.72
C THR B 133 -10.81 -11.92 4.60
N VAL B 134 -10.85 -11.74 5.93
CA VAL B 134 -10.67 -12.89 6.82
C VAL B 134 -11.77 -13.92 6.68
N PRO B 135 -13.07 -13.57 6.53
CA PRO B 135 -14.05 -14.64 6.31
C PRO B 135 -13.80 -15.44 5.03
N GLU B 136 -13.39 -14.77 3.95
CA GLU B 136 -13.07 -15.48 2.71
C GLU B 136 -11.94 -16.47 2.92
N LEU B 137 -10.98 -16.14 3.77
CA LEU B 137 -9.89 -17.06 4.03
C LEU B 137 -10.39 -18.33 4.71
N PHE B 138 -11.41 -18.18 5.56
CA PHE B 138 -11.95 -19.34 6.25
C PHE B 138 -12.83 -20.16 5.31
N VAL B 139 -13.58 -19.50 4.43
CA VAL B 139 -14.34 -20.21 3.40
C VAL B 139 -13.40 -21.01 2.50
N ASP B 140 -12.33 -20.38 2.01
CA ASP B 140 -11.39 -21.09 1.13
C ASP B 140 -10.76 -22.29 1.82
N ALA B 141 -10.74 -22.31 3.15
CA ALA B 141 -10.15 -23.40 3.90
C ALA B 141 -11.19 -24.44 4.31
N GLY B 142 -12.47 -24.23 4.02
CA GLY B 142 -13.51 -25.22 4.23
C GLY B 142 -14.53 -24.88 5.30
N TYR B 143 -14.29 -23.85 6.10
CA TYR B 143 -15.18 -23.54 7.21
C TYR B 143 -16.51 -23.01 6.71
N GLN B 144 -17.51 -23.10 7.58
CA GLN B 144 -18.73 -22.33 7.42
C GLN B 144 -18.52 -20.99 8.13
N THR B 145 -19.04 -19.93 7.55
CA THR B 145 -18.77 -18.57 8.04
C THR B 145 -20.07 -17.84 8.25
N PHE B 146 -20.13 -17.05 9.32
CA PHE B 146 -21.31 -16.24 9.54
C PHE B 146 -20.98 -15.04 10.41
N ASN B 147 -21.82 -14.02 10.28
CA ASN B 147 -21.80 -12.84 11.14
C ASN B 147 -23.25 -12.44 11.36
N ILE B 148 -23.78 -12.73 12.55
CA ILE B 148 -25.16 -12.38 12.87
C ILE B 148 -25.18 -10.97 13.45
N GLY B 149 -25.94 -10.09 12.84
CA GLY B 149 -25.90 -8.68 13.15
C GLY B 149 -25.20 -7.90 12.05
N LYS B 150 -24.79 -6.67 12.40
CA LYS B 150 -24.31 -5.73 11.40
C LYS B 150 -22.89 -6.07 10.94
N ASP B 151 -22.61 -5.77 9.67
CA ASP B 151 -21.23 -5.80 9.15
C ASP B 151 -20.62 -4.40 9.34
N ASP B 152 -21.20 -3.42 8.62
CA ASP B 152 -20.80 -2.00 8.68
C ASP B 152 -19.41 -1.79 8.10
N TYR B 153 -19.21 -2.29 6.88
CA TYR B 153 -17.94 -2.20 6.19
C TYR B 153 -17.98 -1.04 5.18
N ASN B 154 -16.84 -0.38 5.00
CA ASN B 154 -16.73 0.80 4.11
C ASN B 154 -16.25 0.43 2.70
N PHE B 155 -16.67 -0.73 2.17
CA PHE B 155 -16.42 -1.10 0.79
C PHE B 155 -17.63 -1.87 0.28
N LYS B 156 -17.69 -2.06 -1.03
CA LYS B 156 -18.74 -2.88 -1.63
C LYS B 156 -18.29 -4.32 -1.67
N TYR B 157 -19.22 -5.23 -1.42
CA TYR B 157 -18.85 -6.65 -1.44
C TYR B 157 -20.07 -7.52 -1.70
N ASP B 158 -19.79 -8.72 -2.23
CA ASP B 158 -20.77 -9.79 -2.35
C ASP B 158 -20.72 -10.58 -1.03
N ARG B 159 -21.68 -10.29 -0.13
CA ARG B 159 -21.64 -10.88 1.20
C ARG B 159 -21.57 -12.41 1.16
N SER B 160 -22.21 -13.05 0.18
CA SER B 160 -22.20 -14.52 0.12
C SER B 160 -20.80 -15.08 -0.11
N LYS B 161 -19.84 -14.27 -0.57
CA LYS B 161 -18.46 -14.74 -0.64
C LYS B 161 -17.78 -14.75 0.72
N LEU B 162 -18.27 -13.93 1.66
CA LEU B 162 -17.72 -13.85 3.00
C LEU B 162 -18.39 -14.85 3.94
N TYR B 163 -19.71 -14.86 3.95
CA TYR B 163 -20.52 -15.59 4.94
C TYR B 163 -21.41 -16.59 4.19
N ASN B 164 -20.99 -17.84 4.14
CA ASN B 164 -21.62 -18.85 3.30
C ASN B 164 -22.66 -19.68 4.03
N ALA B 165 -22.86 -19.42 5.32
CA ALA B 165 -23.75 -20.22 6.16
C ALA B 165 -25.07 -19.53 6.46
N HIS B 166 -25.28 -18.30 6.01
CA HIS B 166 -26.58 -17.65 6.14
C HIS B 166 -26.65 -16.49 5.17
N GLU B 167 -27.84 -15.93 5.06
CA GLU B 167 -28.07 -14.82 4.14
C GLU B 167 -27.93 -13.48 4.85
N GLY B 168 -27.79 -12.42 4.06
CA GLY B 168 -27.74 -11.07 4.58
C GLY B 168 -29.07 -10.35 4.48
N LYS B 169 -29.12 -9.15 5.06
CA LYS B 169 -30.31 -8.31 5.00
C LYS B 169 -29.89 -6.85 5.04
N ALA B 170 -30.83 -5.97 4.68
CA ALA B 170 -30.56 -4.54 4.75
C ALA B 170 -30.28 -4.13 6.19
N GLY B 171 -29.29 -3.25 6.36
CA GLY B 171 -28.92 -2.76 7.68
C GLY B 171 -28.97 -1.25 7.81
N PHE B 172 -28.33 -0.72 8.84
CA PHE B 172 -28.38 0.72 9.09
C PHE B 172 -27.35 1.46 8.23
N GLN B 173 -27.83 2.49 7.50
CA GLN B 173 -26.96 3.47 6.83
C GLN B 173 -26.04 2.81 5.80
N GLY B 174 -26.61 1.93 4.97
CA GLY B 174 -25.84 1.29 3.92
C GLY B 174 -25.18 -0.03 4.32
N ALA B 175 -25.13 -0.37 5.60
CA ALA B 175 -24.52 -1.62 6.03
C ALA B 175 -25.35 -2.83 5.61
N HIS B 176 -24.66 -3.95 5.40
CA HIS B 176 -25.31 -5.27 5.40
C HIS B 176 -25.36 -5.77 6.83
N ASP B 177 -26.41 -6.55 7.12
CA ASP B 177 -26.51 -7.30 8.36
C ASP B 177 -26.61 -8.79 8.03
N GLY B 178 -26.26 -9.63 8.99
CA GLY B 178 -26.44 -11.07 8.88
C GLY B 178 -27.69 -11.48 9.63
N THR B 179 -28.54 -12.26 8.95
CA THR B 179 -29.78 -12.75 9.54
C THR B 179 -29.49 -13.72 10.69
N LYS B 180 -30.38 -13.72 11.68
CA LYS B 180 -30.26 -14.67 12.80
C LYS B 180 -30.65 -16.08 12.35
N PHE B 181 -29.96 -17.07 12.93
CA PHE B 181 -30.30 -18.47 12.72
C PHE B 181 -29.71 -19.29 13.86
N ASP B 182 -30.07 -20.58 13.90
CA ASP B 182 -29.69 -21.44 15.02
C ASP B 182 -28.29 -21.98 14.74
N TRP B 183 -27.31 -21.08 14.87
CA TRP B 183 -25.95 -21.38 14.44
C TRP B 183 -25.33 -22.47 15.31
N ALA B 184 -25.62 -22.46 16.61
CA ALA B 184 -24.99 -23.43 17.50
C ALA B 184 -25.47 -24.86 17.22
N ASN B 185 -26.70 -25.03 16.76
CA ASN B 185 -27.15 -26.36 16.36
C ASN B 185 -26.81 -26.67 14.90
N ASN B 186 -27.11 -25.74 13.98
CA ASN B 186 -26.87 -25.96 12.55
C ASN B 186 -25.43 -26.37 12.29
N LEU B 187 -24.47 -25.81 13.04
CA LEU B 187 -23.06 -26.03 12.76
C LEU B 187 -22.36 -26.81 13.86
N LYS B 188 -23.12 -27.51 14.71
CA LYS B 188 -22.49 -28.26 15.79
C LYS B 188 -21.55 -29.35 15.29
N ASN B 189 -21.64 -29.74 14.02
CA ASN B 189 -20.73 -30.71 13.43
C ASN B 189 -19.96 -30.18 12.23
N LYS B 190 -20.08 -28.90 11.91
CA LYS B 190 -19.38 -28.31 10.76
C LYS B 190 -18.46 -27.20 11.27
N PRO B 191 -17.14 -27.31 11.08
CA PRO B 191 -16.24 -26.27 11.60
C PRO B 191 -16.63 -24.91 11.07
N PHE B 192 -16.66 -23.92 11.96
CA PHE B 192 -17.16 -22.62 11.57
C PHE B 192 -16.25 -21.50 12.10
N PHE B 193 -16.27 -20.39 11.39
CA PHE B 193 -15.82 -19.10 11.89
C PHE B 193 -17.07 -18.23 11.96
N GLY B 194 -17.43 -17.78 13.15
CA GLY B 194 -18.65 -17.03 13.33
C GLY B 194 -18.42 -15.78 14.14
N GLN B 195 -19.35 -14.85 13.99
CA GLN B 195 -19.37 -13.64 14.77
C GLN B 195 -20.79 -13.42 15.25
N ILE B 196 -20.94 -13.03 16.51
CA ILE B 196 -22.23 -12.57 17.01
C ILE B 196 -22.06 -11.12 17.45
N GLN B 197 -22.86 -10.24 16.85
CA GLN B 197 -22.81 -8.82 17.16
C GLN B 197 -23.75 -8.52 18.31
N LEU B 198 -23.19 -8.03 19.44
CA LEU B 198 -23.97 -7.60 20.59
C LEU B 198 -23.94 -6.08 20.73
N LYS B 199 -25.02 -5.55 21.31
CA LYS B 199 -25.25 -4.11 21.32
C LYS B 199 -24.38 -3.38 22.34
N GLY B 200 -23.79 -4.09 23.31
CA GLY B 200 -22.81 -3.50 24.21
C GLY B 200 -23.32 -2.22 24.85
N GLY B 201 -22.53 -1.15 24.73
CA GLY B 201 -22.92 0.10 25.36
C GLY B 201 -24.12 0.78 24.71
N LYS B 202 -24.56 0.29 23.55
CA LYS B 202 -25.70 0.84 22.83
C LYS B 202 -27.00 0.09 23.09
N HIS B 203 -27.03 -0.83 24.06
CA HIS B 203 -28.28 -1.43 24.50
C HIS B 203 -29.28 -0.36 24.92
N HIS B 204 -30.55 -0.54 24.55
CA HIS B 204 -31.57 0.49 24.73
C HIS B 204 -32.62 0.19 25.80
N ASN B 205 -32.78 -1.07 26.22
CA ASN B 205 -33.85 -1.47 27.13
C ASN B 205 -33.25 -2.03 28.41
N PHE B 206 -33.60 -1.43 29.56
CA PHE B 206 -32.97 -1.81 30.82
C PHE B 206 -33.99 -2.34 31.84
N ASN B 207 -35.15 -2.79 31.38
CA ASN B 207 -36.22 -3.24 32.27
C ASN B 207 -36.06 -4.68 32.73
N GLY B 208 -35.11 -5.44 32.15
CA GLY B 208 -34.80 -6.78 32.61
C GLY B 208 -34.63 -6.82 34.12
N LYS B 209 -35.26 -7.80 34.76
CA LYS B 209 -35.31 -7.84 36.22
C LYS B 209 -33.94 -8.00 36.87
N ASP B 210 -32.88 -8.29 36.10
CA ASP B 210 -31.56 -8.49 36.66
C ASP B 210 -30.61 -7.33 36.37
N VAL B 211 -31.11 -6.24 35.80
CA VAL B 211 -30.31 -5.04 35.60
C VAL B 211 -30.30 -4.27 36.91
N PRO B 212 -29.14 -4.11 37.56
CA PRO B 212 -29.13 -3.42 38.84
C PRO B 212 -29.44 -1.95 38.65
N GLN B 213 -30.00 -1.34 39.70
CA GLN B 213 -30.10 0.10 39.72
C GLN B 213 -28.70 0.68 39.90
N VAL B 214 -28.41 1.78 39.20
CA VAL B 214 -27.10 2.43 39.30
C VAL B 214 -27.33 3.93 39.48
N ASP B 215 -26.77 4.48 40.55
CA ASP B 215 -27.06 5.86 40.95
C ASP B 215 -26.15 6.81 40.19
N PRO B 216 -26.68 7.70 39.35
CA PRO B 216 -25.79 8.66 38.68
C PRO B 216 -24.99 9.52 39.65
N ASP B 217 -25.50 9.80 40.87
CA ASP B 217 -24.77 10.63 41.83
C ASP B 217 -23.55 9.95 42.41
N LYS B 218 -23.40 8.64 42.24
CA LYS B 218 -22.23 7.95 42.73
C LYS B 218 -21.18 7.73 41.66
N MET B 219 -21.43 8.21 40.43
CA MET B 219 -20.49 7.97 39.35
C MET B 219 -19.26 8.88 39.50
N THR B 220 -18.09 8.28 39.39
CA THR B 220 -16.83 9.01 39.41
C THR B 220 -16.41 9.24 37.95
N LEU B 221 -16.51 10.49 37.50
CA LEU B 221 -16.18 10.85 36.11
C LEU B 221 -14.68 11.01 35.93
N PRO B 222 -14.20 11.09 34.68
CA PRO B 222 -12.79 11.42 34.46
C PRO B 222 -12.49 12.86 34.88
N ALA B 223 -11.22 13.09 35.24
CA ALA B 223 -10.75 14.40 35.62
C ALA B 223 -11.04 15.42 34.51
N TYR B 224 -11.60 16.56 34.89
CA TYR B 224 -11.94 17.63 33.95
C TYR B 224 -12.93 17.16 32.88
N TYR B 225 -13.72 16.12 33.14
CA TYR B 225 -14.81 15.78 32.22
C TYR B 225 -16.06 16.50 32.64
N ALA B 226 -16.87 16.90 31.65
CA ALA B 226 -18.10 17.59 31.94
C ALA B 226 -18.94 16.79 32.94
N ASP B 227 -19.33 17.47 34.03
CA ASP B 227 -20.07 16.87 35.13
C ASP B 227 -21.49 17.44 35.07
N THR B 228 -22.36 16.77 34.33
CA THR B 228 -23.75 17.15 34.12
C THR B 228 -24.65 15.97 34.46
N PRO B 229 -25.97 16.18 34.55
CA PRO B 229 -26.85 15.02 34.68
C PRO B 229 -26.78 14.08 33.48
N ALA B 230 -26.58 14.62 32.28
CA ALA B 230 -26.48 13.77 31.09
C ALA B 230 -25.26 12.85 31.17
N THR B 231 -24.08 13.41 31.46
CA THR B 231 -22.88 12.55 31.47
C THR B 231 -22.91 11.56 32.62
N ARG B 232 -23.39 11.98 33.80
CA ARG B 232 -23.60 11.02 34.88
C ARG B 232 -24.63 9.95 34.49
N ALA B 233 -25.67 10.33 33.74
CA ALA B 233 -26.63 9.34 33.26
C ALA B 233 -25.95 8.37 32.29
N GLU B 234 -25.14 8.89 31.36
CA GLU B 234 -24.42 8.05 30.43
C GLU B 234 -23.49 7.08 31.17
N TRP B 235 -22.89 7.53 32.27
CA TRP B 235 -22.00 6.67 33.05
C TRP B 235 -22.77 5.53 33.70
N ALA B 236 -23.89 5.85 34.35
CA ALA B 236 -24.68 4.80 35.00
C ALA B 236 -25.25 3.82 33.96
N LYS B 237 -25.75 4.35 32.84
CA LYS B 237 -26.24 3.49 31.78
C LYS B 237 -25.14 2.53 31.31
N HIS B 238 -23.93 3.05 31.08
CA HIS B 238 -22.85 2.19 30.62
C HIS B 238 -22.54 1.08 31.60
N TYR B 239 -22.70 1.34 32.91
CA TYR B 239 -22.48 0.29 33.89
C TYR B 239 -23.58 -0.77 33.81
N LYS B 240 -24.81 -0.36 33.50
CA LYS B 240 -25.87 -1.32 33.29
C LYS B 240 -25.58 -2.21 32.09
N THR B 241 -25.03 -1.64 31.00
CA THR B 241 -24.73 -2.45 29.82
C THR B 241 -23.68 -3.50 30.11
N GLN B 242 -22.87 -3.29 31.16
CA GLN B 242 -21.93 -4.34 31.55
C GLN B 242 -22.67 -5.59 31.98
N VAL B 243 -23.78 -5.42 32.73
CA VAL B 243 -24.57 -6.56 33.17
C VAL B 243 -25.23 -7.25 31.98
N LEU B 244 -25.78 -6.47 31.03
CA LEU B 244 -26.38 -7.05 29.83
C LEU B 244 -25.36 -7.85 29.02
N SER B 245 -24.13 -7.34 28.90
CA SER B 245 -23.10 -8.11 28.20
C SER B 245 -22.72 -9.35 28.98
N ASP B 246 -22.80 -9.28 30.32
CA ASP B 246 -22.53 -10.46 31.14
C ASP B 246 -23.60 -11.52 30.92
N ILE B 247 -24.87 -11.11 30.92
CA ILE B 247 -25.97 -12.04 30.62
C ILE B 247 -25.73 -12.69 29.27
N GLU B 248 -25.53 -11.87 28.24
CA GLU B 248 -25.40 -12.38 26.87
C GLU B 248 -24.20 -13.29 26.72
N LEU B 249 -23.11 -13.03 27.46
CA LEU B 249 -21.99 -13.97 27.42
C LEU B 249 -22.41 -15.34 27.94
N GLY B 250 -23.14 -15.35 29.07
CA GLY B 250 -23.61 -16.61 29.62
C GLY B 250 -24.50 -17.38 28.66
N GLN B 251 -25.38 -16.67 27.94
CA GLN B 251 -26.27 -17.36 27.03
C GLN B 251 -25.50 -18.00 25.89
N ILE B 252 -24.53 -17.29 25.32
CA ILE B 252 -23.76 -17.83 24.20
C ILE B 252 -22.94 -19.05 24.66
N LEU B 253 -22.32 -18.96 25.83
CA LEU B 253 -21.60 -20.12 26.35
C LEU B 253 -22.54 -21.32 26.54
N LYS B 254 -23.78 -21.05 26.98
CA LYS B 254 -24.74 -22.14 27.17
C LYS B 254 -25.08 -22.80 25.83
N GLU B 255 -25.37 -21.98 24.83
CA GLU B 255 -25.61 -22.50 23.48
C GLU B 255 -24.47 -23.38 22.99
N LEU B 256 -23.23 -22.98 23.28
CA LEU B 256 -22.09 -23.80 22.87
C LEU B 256 -22.05 -25.11 23.66
N ASP B 257 -22.36 -25.06 24.96
CA ASP B 257 -22.33 -26.26 25.79
C ASP B 257 -23.47 -27.20 25.43
N ASP B 258 -24.66 -26.66 25.20
CA ASP B 258 -25.78 -27.50 24.81
C ASP B 258 -25.52 -28.26 23.51
N ASN B 259 -24.52 -27.86 22.72
CA ASN B 259 -24.24 -28.48 21.42
C ASN B 259 -22.84 -29.08 21.36
N ASN B 260 -22.17 -29.25 22.50
CA ASN B 260 -20.82 -29.81 22.58
C ASN B 260 -19.80 -29.00 21.80
N ILE B 261 -20.16 -27.76 21.45
CA ILE B 261 -19.21 -26.88 20.77
C ILE B 261 -18.33 -26.12 21.75
N LEU B 262 -18.53 -26.29 23.06
CA LEU B 262 -17.83 -25.41 24.00
C LEU B 262 -16.36 -25.74 24.10
N GLU B 263 -15.98 -27.02 24.00
CA GLU B 263 -14.59 -27.38 24.28
C GLU B 263 -13.66 -27.03 23.13
N ASN B 264 -14.11 -27.17 21.89
CA ASN B 264 -13.25 -27.09 20.72
C ASN B 264 -13.37 -25.75 19.99
N THR B 265 -13.89 -24.71 20.64
CA THR B 265 -14.13 -23.41 20.03
C THR B 265 -13.27 -22.35 20.70
N ALA B 266 -12.37 -21.74 19.93
CA ALA B 266 -11.65 -20.57 20.42
C ALA B 266 -12.53 -19.33 20.22
N ILE B 267 -12.83 -18.65 21.33
CA ILE B 267 -13.69 -17.46 21.36
C ILE B 267 -12.81 -16.22 21.49
N PHE B 268 -13.14 -15.18 20.74
CA PHE B 268 -12.57 -13.85 20.91
C PHE B 268 -13.71 -12.93 21.33
N TRP B 269 -13.60 -12.38 22.54
CA TRP B 269 -14.63 -11.58 23.20
C TRP B 269 -14.08 -10.17 23.33
N PHE B 270 -14.68 -9.19 22.63
CA PHE B 270 -14.10 -7.86 22.56
C PHE B 270 -15.13 -6.89 22.01
N SER B 271 -14.81 -5.60 22.06
CA SER B 271 -15.66 -4.54 21.52
C SER B 271 -14.96 -3.81 20.37
N ASP B 272 -15.76 -3.14 19.54
CA ASP B 272 -15.17 -2.44 18.40
C ASP B 272 -14.46 -1.16 18.82
N HIS B 273 -14.78 -0.60 19.99
CA HIS B 273 -14.10 0.55 20.60
C HIS B 273 -14.77 0.83 21.94
N GLY B 274 -14.10 1.64 22.75
CA GLY B 274 -14.74 2.21 23.94
C GLY B 274 -15.58 3.41 23.59
N MET B 275 -16.15 4.04 24.63
CA MET B 275 -16.98 5.22 24.45
C MET B 275 -16.14 6.37 23.91
N LEU B 276 -16.74 7.18 23.03
CA LEU B 276 -16.06 8.36 22.50
C LEU B 276 -16.33 9.52 23.45
N LEU B 277 -15.28 9.99 24.12
CA LEU B 277 -15.38 11.04 25.14
C LEU B 277 -14.67 12.29 24.62
N LEU B 278 -15.35 13.43 24.73
CA LEU B 278 -14.77 14.72 24.37
C LEU B 278 -14.67 15.58 25.62
N ARG B 279 -13.56 16.28 25.75
CA ARG B 279 -13.38 17.38 26.71
C ARG B 279 -13.12 18.62 25.87
N HIS B 280 -14.15 19.46 25.74
CA HIS B 280 -14.21 20.54 24.74
C HIS B 280 -14.02 19.92 23.35
N LYS B 281 -12.98 20.26 22.59
CA LYS B 281 -12.75 19.64 21.29
C LYS B 281 -11.81 18.44 21.35
N GLN B 282 -11.20 18.16 22.50
CA GLN B 282 -10.23 17.09 22.64
C GLN B 282 -10.93 15.73 22.81
N GLU B 283 -10.61 14.80 21.92
CA GLU B 283 -11.05 13.42 22.07
C GLU B 283 -10.08 12.69 23.00
N LEU B 284 -10.61 11.93 23.97
CA LEU B 284 -9.76 11.16 24.87
C LEU B 284 -9.54 9.77 24.25
N TYR B 285 -8.49 9.66 23.44
CA TYR B 285 -8.29 8.45 22.64
C TYR B 285 -7.97 7.22 23.48
N GLU B 286 -7.29 7.36 24.62
CA GLU B 286 -6.80 6.15 25.30
C GLU B 286 -7.93 5.16 25.55
N ASP B 287 -9.04 5.62 26.13
CA ASP B 287 -10.14 4.72 26.43
C ASP B 287 -11.19 4.67 25.32
N GLY B 288 -10.93 5.35 24.21
CA GLY B 288 -11.65 5.12 22.97
C GLY B 288 -11.17 3.86 22.26
N VAL B 289 -9.85 3.65 22.17
CA VAL B 289 -9.31 2.58 21.33
C VAL B 289 -9.03 1.33 22.15
N LYS B 290 -8.67 1.50 23.43
CA LYS B 290 -8.39 0.33 24.26
C LYS B 290 -9.70 -0.36 24.59
N VAL B 291 -9.80 -1.65 24.27
CA VAL B 291 -11.07 -2.38 24.41
C VAL B 291 -10.84 -3.56 25.34
N PRO B 292 -11.90 -4.10 25.94
CA PRO B 292 -11.79 -5.42 26.58
C PRO B 292 -11.48 -6.48 25.53
N LEU B 293 -10.59 -7.42 25.87
CA LEU B 293 -10.40 -8.59 25.03
C LEU B 293 -10.13 -9.80 25.91
N ILE B 294 -10.94 -10.84 25.77
CA ILE B 294 -10.66 -12.13 26.36
C ILE B 294 -10.67 -13.17 25.26
N ILE B 295 -9.66 -14.05 25.26
CA ILE B 295 -9.60 -15.19 24.36
C ILE B 295 -9.68 -16.45 25.19
N SER B 296 -10.56 -17.36 24.79
CA SER B 296 -10.76 -18.60 25.53
C SER B 296 -10.87 -19.75 24.56
N TRP B 297 -10.16 -20.83 24.87
CA TRP B 297 -10.24 -22.08 24.11
C TRP B 297 -10.06 -23.20 25.12
N PRO B 298 -11.16 -23.70 25.69
CA PRO B 298 -11.04 -24.54 26.90
C PRO B 298 -10.18 -25.79 26.69
N ALA B 299 -10.34 -26.50 25.57
CA ALA B 299 -9.46 -27.64 25.30
C ALA B 299 -8.00 -27.25 25.17
N GLY B 300 -7.71 -25.99 24.82
CA GLY B 300 -6.35 -25.50 24.70
C GLY B 300 -5.91 -24.54 25.79
N LYS B 301 -6.72 -24.35 26.84
CA LYS B 301 -6.43 -23.52 28.01
C LYS B 301 -4.94 -23.39 28.28
N GLU B 302 -4.28 -24.54 28.49
CA GLU B 302 -2.89 -24.54 28.95
C GLU B 302 -1.94 -23.98 27.90
N LEU B 303 -2.23 -24.23 26.62
CA LEU B 303 -1.39 -23.66 25.57
C LEU B 303 -1.56 -22.14 25.49
N LEU B 304 -2.82 -21.67 25.51
CA LEU B 304 -3.07 -20.23 25.47
C LEU B 304 -2.44 -19.52 26.66
N LYS B 305 -2.70 -20.02 27.87
CA LYS B 305 -2.19 -19.36 29.07
C LYS B 305 -0.69 -19.44 29.21
N SER B 306 0.01 -20.15 28.31
CA SER B 306 1.44 -20.38 28.47
C SER B 306 2.23 -19.07 28.60
N LYS B 307 1.90 -18.06 27.80
CA LYS B 307 2.64 -16.79 27.87
C LYS B 307 2.05 -15.82 28.88
N GLY B 308 1.04 -16.25 29.64
CA GLY B 308 0.41 -15.44 30.66
C GLY B 308 -1.10 -15.53 30.61
N ALA B 309 -1.74 -15.81 31.76
CA ALA B 309 -3.19 -15.79 31.84
C ALA B 309 -3.75 -14.37 31.82
N VAL B 310 -2.95 -13.38 32.20
CA VAL B 310 -3.28 -11.97 32.08
C VAL B 310 -2.17 -11.34 31.25
N ARG B 311 -2.53 -10.77 30.09
CA ARG B 311 -1.55 -10.27 29.13
C ARG B 311 -1.56 -8.75 29.14
N ASN B 312 -0.45 -8.15 29.56
CA ASN B 312 -0.28 -6.71 29.61
C ASN B 312 0.58 -6.16 28.48
N ASP B 313 1.12 -7.03 27.62
CA ASP B 313 1.90 -6.52 26.51
C ASP B 313 0.97 -5.87 25.50
N LEU B 314 1.54 -4.98 24.68
CA LEU B 314 0.74 -4.22 23.72
C LEU B 314 0.29 -5.10 22.55
N ILE B 315 -1.01 -5.05 22.28
CA ILE B 315 -1.73 -5.80 21.26
C ILE B 315 -2.53 -4.81 20.42
N SER B 316 -2.65 -5.10 19.13
CA SER B 316 -3.51 -4.30 18.27
C SER B 316 -4.74 -5.14 17.94
N GLY B 317 -5.88 -4.46 17.79
CA GLY B 317 -7.07 -5.19 17.37
C GLY B 317 -6.91 -5.94 16.06
N LEU B 318 -5.98 -5.48 15.22
CA LEU B 318 -5.65 -6.20 14.00
C LEU B 318 -5.03 -7.58 14.29
N ASP B 319 -4.51 -7.81 15.50
CA ASP B 319 -4.00 -9.12 15.83
C ASP B 319 -5.10 -10.15 16.10
N ILE B 320 -6.35 -9.72 16.21
CA ILE B 320 -7.47 -10.63 16.44
C ILE B 320 -7.70 -11.50 15.21
N PRO B 321 -7.89 -10.97 13.99
CA PRO B 321 -8.01 -11.88 12.84
C PRO B 321 -6.74 -12.68 12.59
N ALA B 322 -5.56 -12.09 12.79
CA ALA B 322 -4.33 -12.85 12.59
C ALA B 322 -4.23 -14.01 13.56
N THR B 323 -4.57 -13.77 14.83
CA THR B 323 -4.55 -14.84 15.82
C THR B 323 -5.63 -15.88 15.52
N SER B 324 -6.82 -15.46 15.10
CA SER B 324 -7.85 -16.42 14.72
C SER B 324 -7.37 -17.31 13.58
N LEU B 325 -6.85 -16.71 12.51
CA LEU B 325 -6.33 -17.51 11.40
C LEU B 325 -5.29 -18.51 11.90
N ALA B 326 -4.36 -18.06 12.73
CA ALA B 326 -3.28 -18.92 13.20
C ALA B 326 -3.83 -20.10 13.99
N LEU B 327 -4.76 -19.86 14.91
CA LEU B 327 -5.27 -20.94 15.76
C LEU B 327 -5.96 -22.00 14.92
N ALA B 328 -6.71 -21.58 13.90
CA ALA B 328 -7.38 -22.49 12.99
C ALA B 328 -6.44 -23.09 11.95
N GLY B 329 -5.14 -22.82 12.04
CA GLY B 329 -4.20 -23.40 11.08
C GLY B 329 -4.22 -22.81 9.68
N ILE B 330 -4.76 -21.60 9.51
CA ILE B 330 -4.78 -20.93 8.22
C ILE B 330 -3.61 -19.95 8.15
N ASP B 331 -2.95 -19.89 7.00
CA ASP B 331 -1.85 -18.95 6.82
C ASP B 331 -2.35 -17.51 6.97
N ILE B 332 -1.53 -16.66 7.57
CA ILE B 332 -1.79 -15.23 7.64
C ILE B 332 -1.21 -14.59 6.37
N PRO B 333 -2.03 -14.00 5.51
CA PRO B 333 -1.48 -13.39 4.29
C PRO B 333 -0.38 -12.40 4.62
N SER B 334 0.59 -12.29 3.72
CA SER B 334 1.71 -11.41 3.96
C SER B 334 1.29 -9.95 4.08
N TYR B 335 0.13 -9.58 3.53
CA TYR B 335 -0.27 -8.17 3.59
C TYR B 335 -1.10 -7.84 4.83
N TYR B 336 -1.44 -8.83 5.67
CA TYR B 336 -2.10 -8.51 6.92
C TYR B 336 -1.10 -7.90 7.90
N ASP B 337 -1.60 -7.01 8.76
CA ASP B 337 -0.77 -6.36 9.76
C ASP B 337 -0.72 -7.12 11.08
N GLY B 338 -1.70 -7.97 11.33
CA GLY B 338 -1.76 -8.67 12.60
C GLY B 338 -0.72 -9.77 12.70
N LYS B 339 -0.48 -10.19 13.95
CA LYS B 339 0.40 -11.31 14.27
C LYS B 339 -0.34 -12.24 15.21
N ASN B 340 0.17 -13.47 15.35
CA ASN B 340 -0.39 -14.44 16.31
C ASN B 340 0.15 -14.13 17.69
N VAL B 341 -0.72 -13.65 18.60
CA VAL B 341 -0.25 -13.22 19.91
C VAL B 341 0.10 -14.38 20.84
N PHE B 342 -0.19 -15.62 20.44
CA PHE B 342 0.26 -16.78 21.20
C PHE B 342 1.47 -17.44 20.58
N SER B 343 1.97 -16.95 19.45
CA SER B 343 3.20 -17.47 18.89
C SER B 343 4.36 -17.30 19.86
N GLU B 344 5.34 -18.21 19.77
CA GLU B 344 6.54 -18.12 20.59
C GLU B 344 7.38 -16.90 20.23
N GLU B 345 7.32 -16.44 18.98
CA GLU B 345 8.09 -15.27 18.58
C GLU B 345 7.44 -13.94 19.00
N PHE B 346 6.17 -13.94 19.40
CA PHE B 346 5.49 -12.69 19.74
C PHE B 346 5.87 -12.24 21.15
N SER B 347 6.59 -11.12 21.24
CA SER B 347 7.09 -10.61 22.50
C SER B 347 6.44 -9.29 22.88
N GLY B 348 5.20 -9.06 22.44
CA GLY B 348 4.52 -7.78 22.65
C GLY B 348 4.94 -6.76 21.61
N ARG B 349 4.01 -5.91 21.15
CA ARG B 349 4.36 -4.83 20.25
C ARG B 349 5.04 -3.70 21.02
N ASP B 350 6.03 -3.07 20.37
CA ASP B 350 6.67 -1.87 20.92
C ASP B 350 5.74 -0.67 20.89
N TYR B 351 4.73 -0.68 20.03
CA TYR B 351 3.80 0.40 19.90
C TYR B 351 2.56 -0.12 19.18
N VAL B 352 1.45 0.59 19.31
CA VAL B 352 0.24 0.31 18.56
C VAL B 352 -0.26 1.62 17.95
N ILE B 353 -0.58 1.56 16.65
CA ILE B 353 -1.09 2.71 15.90
C ILE B 353 -2.62 2.68 15.90
N SER B 354 -3.23 3.86 16.03
CA SER B 354 -4.67 4.03 15.82
C SER B 354 -4.88 5.23 14.92
N ALA B 355 -5.99 5.23 14.18
CA ALA B 355 -6.29 6.31 13.26
C ALA B 355 -7.75 6.68 13.38
N LYS B 356 -8.02 7.98 13.30
CA LYS B 356 -9.38 8.49 13.30
C LYS B 356 -9.52 9.41 12.10
N ASP B 357 -10.57 9.24 11.31
CA ASP B 357 -10.75 10.16 10.20
C ASP B 357 -12.14 10.79 10.26
N ARG B 358 -12.81 10.99 9.13
CA ARG B 358 -14.14 11.58 9.19
C ARG B 358 -15.05 10.75 10.06
N MET B 359 -15.87 11.43 10.85
N MET B 359 -15.88 11.43 10.85
CA MET B 359 -16.87 10.82 11.71
CA MET B 359 -16.86 10.80 11.72
C MET B 359 -18.22 11.44 11.40
C MET B 359 -18.21 11.43 11.42
N ASP B 360 -19.10 10.67 10.77
CA ASP B 360 -20.37 11.18 10.28
C ASP B 360 -20.14 12.40 9.40
N TYR B 361 -20.41 13.62 9.89
CA TYR B 361 -20.21 14.84 9.12
C TYR B 361 -19.09 15.72 9.69
N THR B 362 -18.23 15.16 10.52
CA THR B 362 -17.08 15.89 11.09
C THR B 362 -15.83 15.39 10.37
N PHE B 363 -15.21 16.27 9.57
CA PHE B 363 -14.08 15.87 8.73
C PHE B 363 -12.78 16.08 9.50
N ASP B 364 -12.40 15.09 10.29
CA ASP B 364 -11.17 15.16 11.06
C ASP B 364 -10.13 14.16 10.54
N ARG B 365 -8.91 14.31 11.04
CA ARG B 365 -7.83 13.38 10.72
C ARG B 365 -6.80 13.46 11.84
N ALA B 366 -6.76 12.42 12.66
CA ALA B 366 -5.81 12.31 13.76
C ALA B 366 -5.20 10.93 13.73
N ARG B 367 -3.92 10.84 14.15
CA ARG B 367 -3.17 9.59 14.20
C ARG B 367 -2.49 9.47 15.56
N SER B 368 -2.45 8.27 16.11
CA SER B 368 -1.96 8.13 17.48
C SER B 368 -0.97 6.97 17.56
N VAL B 369 0.13 7.19 18.29
CA VAL B 369 1.08 6.15 18.63
C VAL B 369 0.99 5.88 20.12
N ARG B 370 0.55 4.68 20.49
CA ARG B 370 0.57 4.23 21.87
C ARG B 370 1.84 3.40 22.12
N THR B 371 2.67 3.85 23.07
CA THR B 371 3.79 3.02 23.54
C THR B 371 3.50 2.53 24.95
N GLU B 372 4.50 1.90 25.58
CA GLU B 372 4.27 1.32 26.89
C GLU B 372 3.86 2.39 27.90
N LYS B 373 4.50 3.55 27.85
CA LYS B 373 4.22 4.58 28.83
C LYS B 373 3.39 5.75 28.28
N TYR B 374 3.49 6.07 26.98
CA TYR B 374 2.90 7.30 26.44
C TYR B 374 1.88 7.02 25.35
N ARG B 375 0.91 7.92 25.22
CA ARG B 375 0.12 8.02 24.01
C ARG B 375 0.44 9.35 23.34
N TYR B 376 0.78 9.27 22.05
CA TYR B 376 1.08 10.43 21.22
C TYR B 376 -0.05 10.62 20.23
N ILE B 377 -0.44 11.87 20.00
CA ILE B 377 -1.46 12.22 19.02
C ILE B 377 -0.87 13.22 18.02
N ARG B 378 -1.03 12.93 16.74
CA ARG B 378 -0.78 13.93 15.71
C ARG B 378 -2.10 14.36 15.09
N GLN B 379 -2.37 15.66 15.14
CA GLN B 379 -3.66 16.23 14.74
C GLN B 379 -3.47 17.02 13.45
N TYR B 380 -4.14 16.59 12.37
CA TYR B 380 -3.93 17.21 11.07
C TYR B 380 -4.94 18.31 10.74
N HIS B 381 -6.05 18.40 11.46
CA HIS B 381 -6.99 19.50 11.25
C HIS B 381 -7.25 20.17 12.58
N PRO B 382 -6.35 21.07 13.00
CA PRO B 382 -6.51 21.94 14.18
C PRO B 382 -7.26 23.25 13.86
N LYS B 422 2.10 22.41 10.13
CA LYS B 422 0.65 22.58 10.25
C LYS B 422 0.01 21.62 11.28
N PRO B 423 0.38 20.33 11.29
CA PRO B 423 -0.16 19.42 12.33
C PRO B 423 0.32 19.81 13.72
N VAL B 424 -0.57 19.68 14.70
CA VAL B 424 -0.21 19.87 16.11
C VAL B 424 -0.09 18.50 16.75
N GLU B 425 0.72 18.44 17.79
CA GLU B 425 1.06 17.19 18.46
C GLU B 425 0.68 17.22 19.93
N GLU B 426 0.28 16.06 20.44
CA GLU B 426 0.01 15.85 21.85
C GLU B 426 0.80 14.65 22.33
N LEU B 427 1.31 14.73 23.55
CA LEU B 427 2.01 13.62 24.19
C LEU B 427 1.57 13.52 25.64
N TYR B 428 1.11 12.34 26.06
CA TYR B 428 0.65 12.14 27.43
C TYR B 428 1.39 10.98 28.09
N ASP B 429 1.80 11.19 29.35
CA ASP B 429 2.33 10.11 30.18
C ASP B 429 1.15 9.48 30.92
N LEU B 430 0.74 8.28 30.48
CA LEU B 430 -0.49 7.69 30.99
C LEU B 430 -0.36 7.21 32.44
N GLN B 431 0.85 6.89 32.89
CA GLN B 431 1.03 6.51 34.30
C GLN B 431 0.59 7.64 35.22
N SER B 432 1.04 8.86 34.94
CA SER B 432 0.77 10.01 35.78
C SER B 432 -0.42 10.83 35.30
N ASP B 433 -0.93 10.57 34.11
CA ASP B 433 -1.95 11.43 33.51
C ASP B 433 -2.95 10.55 32.76
N PRO B 434 -3.66 9.66 33.48
CA PRO B 434 -4.50 8.68 32.77
C PRO B 434 -5.60 9.33 31.97
N ASP B 435 -6.07 10.50 32.38
CA ASP B 435 -7.12 11.18 31.64
C ASP B 435 -6.60 12.17 30.60
N GLN B 436 -5.30 12.15 30.31
CA GLN B 436 -4.73 12.85 29.16
C GLN B 436 -4.95 14.36 29.25
N ILE B 437 -4.56 14.94 30.37
CA ILE B 437 -4.77 16.36 30.64
C ILE B 437 -3.53 17.18 30.36
N LYS B 438 -2.35 16.63 30.68
CA LYS B 438 -1.10 17.39 30.62
C LYS B 438 -0.38 17.07 29.31
N ASN B 439 -0.68 17.83 28.27
CA ASN B 439 0.08 17.72 27.02
C ASN B 439 1.55 18.04 27.27
N LEU B 440 2.44 17.07 27.05
CA LEU B 440 3.87 17.23 27.25
C LEU B 440 4.63 17.62 25.98
N ALA B 441 3.94 17.78 24.84
CA ALA B 441 4.62 17.89 23.55
C ALA B 441 5.54 19.11 23.47
N ALA B 442 5.13 20.25 24.02
CA ALA B 442 5.97 21.46 23.99
C ALA B 442 6.93 21.57 25.19
N LEU B 443 7.07 20.54 26.01
CA LEU B 443 7.98 20.61 27.15
C LEU B 443 9.36 20.15 26.73
N PRO B 444 10.41 20.98 26.88
CA PRO B 444 11.75 20.59 26.43
C PRO B 444 12.22 19.28 27.00
N LYS B 445 11.82 18.98 28.23
CA LYS B 445 12.14 17.70 28.84
C LYS B 445 11.64 16.51 28.03
N TYR B 446 10.59 16.68 27.22
CA TYR B 446 9.98 15.54 26.55
C TYR B 446 10.25 15.53 25.06
N LYS B 447 11.11 16.44 24.57
CA LYS B 447 11.39 16.57 23.15
C LYS B 447 11.79 15.24 22.52
N LYS B 448 12.64 14.47 23.20
CA LYS B 448 13.13 13.22 22.64
C LYS B 448 12.01 12.19 22.55
N GLU B 449 11.21 12.05 23.61
CA GLU B 449 10.06 11.16 23.53
C GLU B 449 9.09 11.61 22.46
N LEU B 450 8.94 12.93 22.26
CA LEU B 450 8.08 13.42 21.18
C LEU B 450 8.60 12.96 19.82
N LEU B 451 9.87 13.22 19.53
CA LEU B 451 10.45 12.87 18.22
C LEU B 451 10.41 11.38 17.98
N ARG B 452 10.61 10.59 19.03
CA ARG B 452 10.59 9.15 18.87
C ARG B 452 9.19 8.67 18.47
N HIS B 453 8.15 9.24 19.07
CA HIS B 453 6.78 8.85 18.71
C HIS B 453 6.42 9.41 17.33
N ARG B 454 6.86 10.64 17.03
CA ARG B 454 6.68 11.19 15.69
C ARG B 454 7.29 10.28 14.62
N GLN B 455 8.53 9.83 14.84
CA GLN B 455 9.19 9.01 13.83
C GLN B 455 8.49 7.67 13.64
N ILE B 456 7.92 7.10 14.72
CA ILE B 456 7.14 5.87 14.58
C ILE B 456 5.93 6.10 13.66
N LEU B 457 5.25 7.23 13.83
CA LEU B 457 4.11 7.52 12.97
C LEU B 457 4.55 7.75 11.53
N LEU B 458 5.67 8.46 11.33
CA LEU B 458 6.15 8.72 9.96
C LEU B 458 6.51 7.43 9.23
N ASP B 459 7.13 6.48 9.93
CA ASP B 459 7.40 5.16 9.35
C ASP B 459 6.10 4.48 8.90
N TRP B 460 5.09 4.51 9.77
CA TRP B 460 3.82 3.88 9.43
C TRP B 460 3.14 4.55 8.22
N ILE B 461 3.23 5.88 8.11
CA ILE B 461 2.64 6.54 6.95
C ILE B 461 3.39 6.15 5.69
N ALA B 462 4.72 6.07 5.78
CA ALA B 462 5.50 5.71 4.62
C ALA B 462 5.25 4.26 4.22
N LYS B 463 5.10 3.39 5.21
CA LYS B 463 4.89 1.97 4.93
C LYS B 463 3.52 1.72 4.31
N THR B 464 2.49 2.45 4.75
CA THR B 464 1.13 2.10 4.37
C THR B 464 0.51 3.05 3.38
N ASP B 465 1.15 4.20 3.12
CA ASP B 465 0.54 5.24 2.28
C ASP B 465 -0.86 5.59 2.78
N ASP B 466 -0.94 5.87 4.08
CA ASP B 466 -2.16 6.29 4.76
C ASP B 466 -3.06 7.12 3.85
N LYS B 467 -4.20 6.55 3.44
CA LYS B 467 -5.08 7.21 2.49
C LYS B 467 -5.82 8.41 3.07
N GLY B 468 -5.78 8.59 4.40
CA GLY B 468 -6.32 9.82 4.97
C GLY B 468 -5.57 11.07 4.57
N ALA B 469 -4.39 10.91 3.96
CA ALA B 469 -3.66 12.06 3.41
C ALA B 469 -4.34 12.62 2.17
N TYR B 470 -5.38 11.96 1.67
CA TYR B 470 -5.97 12.44 0.44
C TYR B 470 -7.42 12.86 0.69
N PRO B 471 -7.87 13.94 0.06
CA PRO B 471 -9.23 14.43 0.31
C PRO B 471 -10.27 13.47 -0.26
N GLU B 472 -11.42 13.41 0.38
CA GLU B 472 -12.51 12.62 -0.17
C GLU B 472 -13.04 13.27 -1.45
N SER B 473 -13.47 12.42 -2.39
CA SER B 473 -13.94 12.89 -3.69
C SER B 473 -15.26 13.68 -3.57
N GLU B 474 -15.64 14.30 -4.69
CA GLU B 474 -16.93 14.98 -4.77
C GLU B 474 -18.06 14.01 -4.46
N ARG B 475 -18.03 12.82 -5.06
CA ARG B 475 -19.10 11.86 -4.86
C ARG B 475 -19.22 11.43 -3.40
N ALA B 476 -18.09 11.33 -2.68
CA ALA B 476 -18.15 10.94 -1.28
C ALA B 476 -18.75 12.04 -0.43
N VAL B 477 -18.48 13.31 -0.77
CA VAL B 477 -19.09 14.42 -0.04
C VAL B 477 -20.61 14.41 -0.22
N LYS B 478 -21.07 14.15 -1.46
CA LYS B 478 -22.51 14.06 -1.68
C LYS B 478 -23.14 13.00 -0.80
N GLU B 479 -22.49 11.85 -0.67
CA GLU B 479 -23.01 10.81 0.21
C GLU B 479 -23.20 11.35 1.63
N VAL B 480 -22.19 12.07 2.13
CA VAL B 480 -22.32 12.75 3.42
C VAL B 480 -23.54 13.67 3.40
N LEU B 481 -23.66 14.49 2.35
CA LEU B 481 -24.80 15.41 2.29
C LEU B 481 -26.13 14.66 2.23
N ASP B 482 -26.19 13.55 1.49
CA ASP B 482 -27.41 12.75 1.44
C ASP B 482 -27.82 12.28 2.84
N ILE B 483 -26.87 11.79 3.63
CA ILE B 483 -27.22 11.19 4.90
C ILE B 483 -27.42 12.24 5.98
N TRP B 484 -26.63 13.32 5.95
CA TRP B 484 -26.63 14.25 7.05
C TRP B 484 -27.19 15.63 6.70
N GLY B 485 -27.13 16.04 5.44
CA GLY B 485 -27.87 17.23 5.05
C GLY B 485 -27.28 18.49 5.65
N LYS B 486 -28.12 19.27 6.33
CA LYS B 486 -27.69 20.58 6.84
C LYS B 486 -26.73 20.47 8.02
N ASN B 487 -26.59 19.28 8.62
CA ASN B 487 -25.67 19.14 9.75
C ASN B 487 -24.22 19.21 9.28
N CYS B 488 -23.94 18.79 8.05
CA CYS B 488 -22.57 18.90 7.58
C CYS B 488 -22.23 20.35 7.31
N VAL B 489 -21.44 20.96 8.18
CA VAL B 489 -21.01 22.33 8.02
C VAL B 489 -19.53 22.43 7.65
N SER B 490 -18.90 21.31 7.33
CA SER B 490 -17.47 21.28 7.08
C SER B 490 -17.12 22.16 5.88
N THR B 491 -15.82 22.44 5.74
CA THR B 491 -15.39 23.21 4.56
C THR B 491 -15.65 22.41 3.30
N GLN B 492 -15.43 21.10 3.35
CA GLN B 492 -15.63 20.27 2.16
C GLN B 492 -17.08 20.31 1.72
N CYS B 493 -18.01 20.22 2.68
CA CYS B 493 -19.44 20.30 2.38
C CYS B 493 -19.84 21.68 1.85
N GLU B 494 -19.43 22.74 2.57
CA GLU B 494 -19.85 24.09 2.18
C GLU B 494 -19.30 24.43 0.81
N SER B 495 -18.09 23.98 0.49
CA SER B 495 -17.59 24.17 -0.86
C SER B 495 -18.39 23.37 -1.88
N TYR B 496 -18.79 22.14 -1.52
CA TYR B 496 -19.63 21.35 -2.43
C TYR B 496 -20.92 22.09 -2.74
N ARG B 497 -21.60 22.61 -1.71
CA ARG B 497 -22.83 23.36 -1.94
C ARG B 497 -22.59 24.56 -2.85
N LEU B 498 -21.40 25.17 -2.77
CA LEU B 498 -21.11 26.33 -3.61
C LEU B 498 -20.92 25.94 -5.08
N HIS B 499 -20.42 24.74 -5.34
CA HIS B 499 -20.14 24.31 -6.71
C HIS B 499 -21.28 23.50 -7.32
N HIS B 500 -22.36 23.27 -6.57
CA HIS B 500 -23.53 22.56 -7.07
C HIS B 500 -24.79 23.18 -6.48
N PRO B 501 -25.00 24.49 -6.67
CA PRO B 501 -26.08 25.17 -5.95
C PRO B 501 -27.46 24.71 -6.40
N ASP B 502 -27.58 24.14 -7.60
CA ASP B 502 -28.86 23.73 -8.13
C ASP B 502 -29.26 22.31 -7.73
N SER B 503 -28.34 21.51 -7.19
CA SER B 503 -28.64 20.11 -6.86
C SER B 503 -28.39 19.75 -5.40
N VAL B 504 -28.16 20.75 -4.53
CA VAL B 504 -27.69 20.46 -3.17
C VAL B 504 -28.58 19.45 -2.46
N ASN B 505 -29.89 19.61 -2.59
CA ASN B 505 -30.82 18.75 -1.88
C ASN B 505 -31.47 17.70 -2.75
N ILE B 506 -31.08 17.63 -4.03
CA ILE B 506 -31.54 16.53 -4.88
C ILE B 506 -30.80 15.25 -4.48
N PRO B 507 -31.49 14.14 -4.26
CA PRO B 507 -30.80 12.90 -3.88
C PRO B 507 -29.66 12.59 -4.84
N GLY B 508 -28.54 12.10 -4.27
CA GLY B 508 -27.35 11.89 -5.07
C GLY B 508 -27.52 10.87 -6.16
N ASP B 509 -28.40 9.88 -5.94
CA ASP B 509 -28.62 8.86 -6.96
C ASP B 509 -29.44 9.38 -8.14
N LYS B 510 -29.92 10.62 -8.07
CA LYS B 510 -30.48 11.31 -9.22
C LYS B 510 -29.53 12.35 -9.79
N VAL B 511 -28.36 12.52 -9.16
CA VAL B 511 -27.35 13.47 -9.62
C VAL B 511 -26.17 12.77 -10.27
N TYR B 512 -25.82 11.56 -9.79
CA TYR B 512 -24.63 10.84 -10.23
C TYR B 512 -25.01 9.44 -10.66
N SER B 513 -24.32 8.95 -11.70
CA SER B 513 -24.59 7.62 -12.23
C SER B 513 -24.11 6.55 -11.24
N PRO B 514 -24.74 5.38 -11.25
CA PRO B 514 -24.29 4.31 -10.36
C PRO B 514 -22.89 3.87 -10.73
N ILE B 515 -22.20 3.25 -9.77
CA ILE B 515 -20.87 2.70 -10.03
C ILE B 515 -21.02 1.26 -10.44
N GLN B 516 -20.40 0.91 -11.56
CA GLN B 516 -20.38 -0.48 -12.02
C GLN B 516 -19.35 -1.26 -11.21
N TRP B 517 -19.79 -2.36 -10.60
CA TRP B 517 -18.86 -3.20 -9.87
C TRP B 517 -17.84 -3.79 -10.85
N PRO B 518 -16.61 -4.03 -10.41
CA PRO B 518 -15.59 -4.52 -11.33
C PRO B 518 -15.93 -5.91 -11.84
N ALA B 519 -15.28 -6.26 -12.97
CA ALA B 519 -15.54 -7.54 -13.60
C ALA B 519 -15.22 -8.71 -12.66
N TYR B 520 -14.17 -8.56 -11.83
CA TYR B 520 -13.83 -9.68 -10.96
C TYR B 520 -14.81 -9.89 -9.80
N MET B 521 -15.86 -9.07 -9.70
CA MET B 521 -16.78 -9.18 -8.56
C MET B 521 -18.14 -8.61 -8.91
N PRO B 522 -18.92 -9.29 -9.75
CA PRO B 522 -20.22 -8.74 -10.15
C PRO B 522 -21.14 -8.54 -8.96
N LYS B 523 -22.03 -7.56 -9.10
CA LYS B 523 -22.96 -7.19 -8.05
C LYS B 523 -24.12 -8.19 -7.99
N PRO B 524 -24.36 -8.83 -6.84
CA PRO B 524 -25.52 -9.72 -6.74
C PRO B 524 -26.82 -9.02 -7.10
N LYS B 525 -27.78 -9.79 -7.61
CA LYS B 525 -29.10 -9.27 -7.96
C LYS B 525 -30.00 -9.17 -6.74
N THR B 526 -29.70 -9.90 -5.68
CA THR B 526 -30.40 -9.93 -4.39
C THR B 526 -30.99 -8.57 -4.04
N PRO B 527 -32.27 -8.52 -3.67
CA PRO B 527 -32.97 -7.22 -3.62
C PRO B 527 -32.43 -6.23 -2.59
N TYR B 528 -31.96 -6.69 -1.42
CA TYR B 528 -31.56 -5.74 -0.38
C TYR B 528 -30.29 -4.98 -0.75
N TYR B 529 -29.51 -5.47 -1.72
CA TYR B 529 -28.37 -4.72 -2.22
C TYR B 529 -28.78 -3.41 -2.88
N SER B 530 -30.01 -3.35 -3.38
CA SER B 530 -30.52 -2.08 -3.90
C SER B 530 -31.07 -1.20 -2.78
N GLU B 531 -31.63 -1.83 -1.75
CA GLU B 531 -32.24 -1.09 -0.66
C GLU B 531 -31.18 -0.36 0.18
N ILE B 532 -30.05 -1.03 0.47
CA ILE B 532 -29.04 -0.40 1.31
C ILE B 532 -28.38 0.81 0.66
N GLU B 533 -28.48 0.96 -0.66
CA GLU B 533 -27.93 2.14 -1.30
C GLU B 533 -28.87 3.33 -1.27
N HIS B 534 -30.10 3.16 -0.77
CA HIS B 534 -31.06 4.25 -0.63
C HIS B 534 -30.83 4.91 0.73
N ILE B 535 -29.84 5.81 0.75
CA ILE B 535 -29.32 6.41 1.97
C ILE B 535 -29.75 7.86 2.16
N TYR B 536 -30.39 8.47 1.17
CA TYR B 536 -30.86 9.84 1.31
C TYR B 536 -31.87 9.93 2.45
N ARG B 537 -31.75 10.99 3.26
CA ARG B 537 -32.63 11.21 4.39
C ARG B 537 -33.19 12.62 4.29
N LYS B 538 -34.48 12.72 3.94
CA LYS B 538 -35.12 14.03 3.84
C LYS B 538 -35.15 14.75 5.18
N LYS B 539 -35.33 14.01 6.28
CA LYS B 539 -35.46 14.63 7.60
C LYS B 539 -34.27 15.53 7.91
N PHE B 540 -33.10 15.22 7.37
CA PHE B 540 -31.90 16.00 7.60
C PHE B 540 -31.64 17.05 6.52
N GLN B 541 -32.39 17.00 5.40
CA GLN B 541 -32.37 17.93 4.24
C GLN B 541 -31.52 17.46 3.03
#